data_8SZK
#
_entry.id   8SZK
#
_cell.length_a   1.00
_cell.length_b   1.00
_cell.length_c   1.00
_cell.angle_alpha   90.00
_cell.angle_beta   90.00
_cell.angle_gamma   90.00
#
_symmetry.space_group_name_H-M   'P 1'
#
loop_
_entity.id
_entity.type
_entity.pdbx_description
1 polymer Elongin-B
2 polymer Elongin-C
3 polymer 'Core-binding factor subunit beta'
4 polymer 'Virion infectivity factor'
5 polymer 'Serine/threonine-protein phosphatase 2A 56 kDa regulatory subunit alpha isoform'
#
loop_
_entity_poly.entity_id
_entity_poly.type
_entity_poly.pdbx_seq_one_letter_code
_entity_poly.pdbx_strand_id
1 'polypeptide(L)'
;MDVFLMIRRHKTTIFTDAKESSTVFELKRIVEGILKRPPDEQRLYKDDQLLDDGKTLGECGFTSQTARPQAPATVGLAFR
ADDTFEALCIEPFSSPPELPDVMKPQDSGSSANEQAVQ
;
A
2 'polypeptide(L)'
;MYVKLISSDGHEFIVKREHALTSGTIKAMLSGPGQFAENETNEVNFREIPSHVLSKVCMYFTYKVRYTNSSTEIPEFPIA
PEIALELLMAANFLDC
;
B
3 'polypeptide(L)'
;MGSSHHHHHHSQDPMPRVVPDQRSKFENEEFFRKLSRECEIKYTGFRDRPHEERQARFQNACRDGRSEIAFVATGTNLSL
QFFPASWQGEQRQTPSREYVDLEREAGKVYLKAPMILNGVCVIWKGWIDLQRLDGMGCLEFDEERAQQEDALAQQAFEEA
RRRTREFEDRDRSHREEMEARRQQDPSPGSNLGGGDDLKLR
;
C
4 'polypeptide(L)'
;MENRWQVMIVWQVDRMRINTWKRLVKHHMYISRKAKDWFYRHHYESTNPKISSEVHIPLGDAKLVITTYWGLHTGERDWH
LGQGVSIEWRKKRYSTQVDPDLADQLIHLHYFDCFSESAIRNTILGRIVSPRCEYQAGHNKVGSLQYLALAALIKPKQIK
PPLPSVRKLTEDRWNK
;
G
5 'polypeptide(L)'
;MSSSSPPAGAASAAISASEKVDGFTRKSVRKAQRQKRSQGSSQFRSQGSQAELHPLPQLKDATSNEQQELFCQKLQQCCI
LFDFMDSVSDLKSKEIKRATLNELVEYVSTNRGVIVESAYSDIVKMISANIFRTLPPSDNPDFDPEEDEPTLEASWPHIQ
LVYEFFLRFLESPDFQPSIAKRYIDQKFVQQLLELFDSEDPRERDFLKTVLHRIYGKFLGLRAFIRKQINNIFLRFIYET
EHFNGVAELLEILGSIINGFALPLKAEHKQFLMKVLIPMHTAKGLALFHAQLAYCVVQFLEKDTTLTEPVIRGLLKFWPK
TCSQKEVMFLGEIEEILDVIEPTQFKKIEEPLFKQISKCVSSSHFQVAERALYFWNNEYILSLIEENIDKILPIMFASLY
KISKEHWNPTIVALVYNVLKTLMEMNGKLFDDLTSSYKAERQREKKKELEREELWKKLEELKLKKALEKQNSAYNMHSIL
SNTSAE
;
D
#
# COMPACT_ATOMS: atom_id res chain seq x y z
N MET A 1 -28.39 -15.83 -11.06
CA MET A 1 -29.30 -14.98 -10.31
C MET A 1 -30.02 -13.99 -11.22
N ASP A 2 -30.21 -12.76 -10.75
CA ASP A 2 -30.94 -11.77 -11.50
C ASP A 2 -30.18 -11.33 -12.74
N VAL A 3 -30.91 -10.81 -13.72
CA VAL A 3 -30.34 -10.27 -14.95
C VAL A 3 -30.98 -8.92 -15.24
N PHE A 4 -30.38 -8.18 -16.17
CA PHE A 4 -30.85 -6.86 -16.55
C PHE A 4 -31.19 -6.88 -18.04
N LEU A 5 -32.19 -6.09 -18.43
CA LEU A 5 -32.75 -6.20 -19.78
C LEU A 5 -32.83 -4.85 -20.48
N MET A 6 -32.76 -4.91 -21.81
CA MET A 6 -32.91 -3.77 -22.72
C MET A 6 -34.09 -4.00 -23.66
N ILE A 7 -34.98 -3.01 -23.75
CA ILE A 7 -36.06 -3.05 -24.74
C ILE A 7 -36.01 -1.72 -25.47
N ARG A 8 -35.77 -1.78 -26.79
CA ARG A 8 -35.56 -0.61 -27.63
C ARG A 8 -36.48 -0.61 -28.85
N ARG A 9 -37.15 0.51 -29.08
CA ARG A 9 -38.00 0.75 -30.23
C ARG A 9 -38.28 2.25 -30.29
N HIS A 10 -38.19 2.80 -31.50
CA HIS A 10 -38.44 4.22 -31.77
C HIS A 10 -37.50 5.06 -30.91
N LYS A 11 -38.00 5.69 -29.86
CA LYS A 11 -37.07 6.51 -29.08
C LYS A 11 -37.30 6.28 -27.59
N THR A 12 -37.70 5.06 -27.23
CA THR A 12 -38.01 4.66 -25.86
C THR A 12 -37.25 3.38 -25.50
N THR A 13 -36.86 3.30 -24.23
CA THR A 13 -36.06 2.22 -23.68
C THR A 13 -36.42 2.08 -22.21
N ILE A 14 -36.18 0.88 -21.67
CA ILE A 14 -36.46 0.59 -20.27
C ILE A 14 -35.31 -0.21 -19.66
N PHE A 15 -34.99 0.11 -18.41
CA PHE A 15 -33.92 -0.54 -17.65
C PHE A 15 -34.58 -1.25 -16.48
N THR A 16 -34.44 -2.57 -16.40
CA THR A 16 -35.15 -3.27 -15.35
C THR A 16 -34.47 -4.57 -14.97
N ASP A 17 -34.75 -4.99 -13.73
CA ASP A 17 -34.27 -6.20 -13.09
C ASP A 17 -35.43 -7.17 -12.88
N ALA A 18 -35.08 -8.44 -12.70
CA ALA A 18 -36.05 -9.51 -12.52
C ALA A 18 -35.32 -10.65 -11.82
N LYS A 19 -35.99 -11.79 -11.65
CA LYS A 19 -35.35 -12.91 -10.98
C LYS A 19 -34.80 -13.88 -12.03
N GLU A 20 -34.15 -14.94 -11.56
CA GLU A 20 -33.49 -15.87 -12.48
C GLU A 20 -34.52 -16.76 -13.16
N SER A 21 -35.26 -17.54 -12.36
CA SER A 21 -36.18 -18.50 -12.97
C SER A 21 -37.40 -17.83 -13.58
N SER A 22 -37.47 -16.49 -13.62
CA SER A 22 -38.60 -15.82 -14.22
C SER A 22 -38.67 -16.27 -15.67
N THR A 23 -39.86 -16.69 -16.13
CA THR A 23 -39.88 -17.06 -17.53
C THR A 23 -40.00 -15.86 -18.47
N VAL A 24 -41.19 -15.30 -18.65
CA VAL A 24 -41.41 -14.16 -19.54
C VAL A 24 -42.53 -13.31 -18.98
N PHE A 25 -43.40 -13.96 -18.21
CA PHE A 25 -44.50 -13.28 -17.53
C PHE A 25 -44.06 -12.16 -16.58
N GLU A 26 -42.97 -12.32 -15.83
CA GLU A 26 -42.61 -11.17 -14.99
C GLU A 26 -42.19 -9.96 -15.81
N LEU A 27 -41.42 -10.18 -16.89
CA LEU A 27 -41.04 -9.06 -17.75
C LEU A 27 -42.26 -8.42 -18.42
N LYS A 28 -43.17 -9.26 -18.89
CA LYS A 28 -44.38 -8.73 -19.51
C LYS A 28 -45.26 -7.99 -18.50
N ARG A 29 -45.38 -8.49 -17.26
CA ARG A 29 -46.14 -7.76 -16.25
C ARG A 29 -45.53 -6.40 -15.92
N ILE A 30 -44.20 -6.32 -15.81
CA ILE A 30 -43.59 -5.02 -15.55
C ILE A 30 -43.88 -4.06 -16.70
N VAL A 31 -43.69 -4.51 -17.95
CA VAL A 31 -43.92 -3.50 -18.96
C VAL A 31 -45.41 -3.22 -19.06
N GLU A 32 -46.28 -4.13 -18.61
CA GLU A 32 -47.70 -3.80 -18.64
C GLU A 32 -47.92 -2.64 -17.68
N GLY A 33 -47.33 -2.79 -16.48
CA GLY A 33 -47.40 -1.85 -15.38
C GLY A 33 -46.77 -0.52 -15.70
N ILE A 34 -46.07 -0.44 -16.82
CA ILE A 34 -45.38 0.77 -17.22
C ILE A 34 -46.02 1.40 -18.46
N LEU A 35 -46.57 0.61 -19.36
CA LEU A 35 -47.12 1.12 -20.61
C LEU A 35 -48.64 1.28 -20.55
N LYS A 36 -49.30 0.71 -19.55
CA LYS A 36 -50.76 0.86 -19.38
C LYS A 36 -51.51 0.44 -20.63
N ARG A 37 -51.08 -0.68 -21.25
CA ARG A 37 -51.62 -1.22 -22.50
C ARG A 37 -51.72 -2.73 -22.27
N PRO A 38 -52.80 -3.38 -22.70
CA PRO A 38 -53.03 -4.78 -22.30
C PRO A 38 -51.90 -5.67 -22.77
N PRO A 39 -51.57 -6.71 -22.00
CA PRO A 39 -50.40 -7.50 -22.25
C PRO A 39 -50.19 -8.31 -23.52
N ASP A 40 -51.07 -9.22 -23.93
CA ASP A 40 -50.70 -10.11 -25.02
C ASP A 40 -50.43 -9.38 -26.32
N GLU A 41 -50.89 -8.15 -26.46
CA GLU A 41 -50.61 -7.36 -27.66
C GLU A 41 -49.13 -7.01 -27.77
N GLN A 42 -48.25 -8.01 -27.74
CA GLN A 42 -46.82 -7.77 -27.78
C GLN A 42 -46.11 -9.02 -28.29
N ARG A 43 -44.84 -8.83 -28.67
CA ARG A 43 -43.93 -9.93 -28.94
C ARG A 43 -42.51 -9.51 -28.58
N LEU A 44 -41.80 -10.31 -27.78
CA LEU A 44 -40.44 -9.92 -27.44
C LEU A 44 -39.56 -10.17 -28.66
N TYR A 45 -38.28 -9.78 -28.61
CA TYR A 45 -37.47 -10.08 -29.79
C TYR A 45 -36.03 -10.39 -29.41
N LYS A 46 -35.45 -11.41 -30.03
CA LYS A 46 -34.05 -11.68 -29.81
C LYS A 46 -33.53 -12.15 -31.15
N ASP A 47 -32.50 -11.49 -31.70
CA ASP A 47 -31.97 -11.89 -32.99
C ASP A 47 -33.14 -11.98 -33.95
N ASP A 48 -33.54 -13.23 -34.19
CA ASP A 48 -34.62 -13.66 -35.08
C ASP A 48 -35.42 -14.83 -34.51
N GLN A 49 -34.90 -15.49 -33.47
CA GLN A 49 -35.61 -16.54 -32.74
C GLN A 49 -36.87 -16.00 -32.06
N LEU A 50 -37.99 -16.68 -32.30
CA LEU A 50 -39.26 -16.26 -31.72
C LEU A 50 -39.29 -16.47 -30.21
N LEU A 51 -39.97 -15.56 -29.51
CA LEU A 51 -40.09 -15.57 -28.06
C LEU A 51 -41.51 -15.95 -27.69
N ASP A 52 -41.67 -16.93 -26.81
CA ASP A 52 -42.99 -17.39 -26.41
C ASP A 52 -43.30 -16.97 -24.98
N ASP A 53 -44.59 -17.04 -24.63
CA ASP A 53 -45.08 -16.60 -23.33
C ASP A 53 -44.44 -17.38 -22.19
N GLY A 54 -44.28 -18.68 -22.35
CA GLY A 54 -43.64 -19.48 -21.32
C GLY A 54 -42.16 -19.69 -21.44
N LYS A 55 -41.48 -19.04 -22.38
CA LYS A 55 -40.05 -19.21 -22.53
C LYS A 55 -39.36 -18.68 -21.29
N THR A 56 -38.26 -19.32 -20.89
CA THR A 56 -37.51 -18.91 -19.71
C THR A 56 -36.06 -18.75 -20.09
N LEU A 57 -35.36 -17.94 -19.28
CA LEU A 57 -33.96 -17.62 -19.54
C LEU A 57 -33.12 -18.88 -19.71
N GLY A 58 -33.17 -19.80 -18.74
CA GLY A 58 -32.36 -21.00 -18.89
C GLY A 58 -32.71 -21.74 -20.18
N GLU A 59 -34.01 -21.92 -20.44
CA GLU A 59 -34.42 -22.53 -21.70
C GLU A 59 -33.95 -21.67 -22.87
N CYS A 60 -34.05 -20.35 -22.73
CA CYS A 60 -33.61 -19.38 -23.72
C CYS A 60 -32.10 -19.39 -23.89
N GLY A 61 -31.37 -19.88 -22.91
CA GLY A 61 -29.94 -19.89 -22.93
C GLY A 61 -29.28 -18.66 -22.34
N PHE A 62 -30.02 -17.57 -22.17
CA PHE A 62 -29.43 -16.42 -21.50
C PHE A 62 -29.08 -16.80 -20.07
N THR A 63 -27.93 -16.34 -19.60
CA THR A 63 -27.47 -16.70 -18.27
C THR A 63 -27.10 -15.43 -17.52
N SER A 64 -26.77 -15.58 -16.24
CA SER A 64 -26.41 -14.40 -15.46
C SER A 64 -25.16 -13.74 -16.02
N GLN A 65 -24.18 -14.56 -16.44
CA GLN A 65 -22.97 -14.04 -17.03
C GLN A 65 -23.19 -13.34 -18.37
N THR A 66 -24.33 -13.57 -19.03
CA THR A 66 -24.60 -12.87 -20.27
C THR A 66 -25.00 -11.42 -20.03
N ALA A 67 -25.80 -11.17 -19.00
CA ALA A 67 -26.28 -9.82 -18.69
C ALA A 67 -25.62 -9.35 -17.40
N ARG A 68 -24.88 -8.26 -17.48
CA ARG A 68 -24.22 -7.69 -16.32
C ARG A 68 -24.63 -6.23 -16.21
N PRO A 69 -24.59 -5.65 -15.00
CA PRO A 69 -24.84 -4.20 -14.89
C PRO A 69 -23.85 -3.31 -15.64
N GLN A 70 -23.41 -3.72 -16.84
CA GLN A 70 -22.55 -2.89 -17.68
C GLN A 70 -22.84 -3.04 -19.15
N ALA A 71 -23.63 -4.04 -19.55
CA ALA A 71 -24.01 -4.34 -20.92
C ALA A 71 -25.25 -5.22 -20.90
N PRO A 72 -26.40 -4.72 -20.50
CA PRO A 72 -27.57 -5.58 -20.36
C PRO A 72 -28.06 -6.11 -21.70
N ALA A 73 -28.71 -7.28 -21.64
CA ALA A 73 -29.26 -7.92 -22.83
C ALA A 73 -30.33 -7.04 -23.47
N THR A 74 -30.35 -7.05 -24.80
CA THR A 74 -31.25 -6.24 -25.61
C THR A 74 -32.30 -7.16 -26.23
N VAL A 75 -33.57 -6.78 -26.10
CA VAL A 75 -34.63 -7.60 -26.70
C VAL A 75 -35.75 -6.79 -27.35
N GLY A 76 -35.75 -5.47 -27.19
CA GLY A 76 -36.81 -4.69 -27.82
C GLY A 76 -38.23 -4.93 -27.34
N LEU A 77 -39.14 -4.06 -27.75
CA LEU A 77 -40.55 -4.13 -27.36
C LEU A 77 -41.42 -3.95 -28.60
N ALA A 78 -42.67 -4.41 -28.51
CA ALA A 78 -43.61 -4.31 -29.62
C ALA A 78 -45.04 -4.26 -29.08
N PHE A 79 -45.95 -3.74 -29.91
CA PHE A 79 -47.37 -3.59 -29.56
C PHE A 79 -48.19 -4.20 -30.70
N ASP A 83 -50.77 -1.26 -35.66
CA ASP A 83 -51.32 -1.51 -34.32
C ASP A 83 -51.10 -2.95 -33.89
N THR A 84 -51.55 -3.88 -34.74
CA THR A 84 -51.42 -5.30 -34.44
C THR A 84 -49.95 -5.73 -34.37
N PHE A 85 -49.17 -5.41 -35.41
CA PHE A 85 -47.78 -5.80 -35.48
C PHE A 85 -46.99 -4.71 -36.19
N GLU A 86 -45.72 -4.56 -35.78
CA GLU A 86 -44.84 -3.55 -36.33
C GLU A 86 -43.48 -4.16 -36.65
N ALA A 87 -42.65 -3.38 -37.33
CA ALA A 87 -41.34 -3.83 -37.77
C ALA A 87 -40.32 -3.68 -36.65
N LEU A 88 -39.05 -3.98 -36.95
CA LEU A 88 -37.97 -3.90 -35.96
C LEU A 88 -37.23 -2.58 -36.16
N CYS A 89 -37.79 -1.52 -35.58
CA CYS A 89 -37.15 -0.21 -35.61
C CYS A 89 -36.12 -0.14 -34.48
N ILE A 90 -35.00 -0.82 -34.72
CA ILE A 90 -33.85 -0.75 -33.80
C ILE A 90 -32.94 0.39 -34.28
N GLU A 91 -33.27 1.61 -33.88
CA GLU A 91 -32.46 2.75 -34.33
C GLU A 91 -31.22 2.81 -33.47
N PRO A 92 -30.02 2.78 -34.05
CA PRO A 92 -28.81 2.82 -33.23
C PRO A 92 -28.61 4.19 -32.58
N PHE A 93 -27.81 4.18 -31.52
CA PHE A 93 -27.42 5.39 -30.82
C PHE A 93 -26.61 6.31 -31.73
N SER A 94 -26.36 7.52 -31.22
CA SER A 94 -25.52 8.47 -31.92
C SER A 94 -24.07 7.98 -31.96
N SER A 95 -23.32 8.54 -32.89
CA SER A 95 -21.92 8.19 -33.08
C SER A 95 -21.02 9.40 -32.83
N PRO A 96 -19.79 9.19 -32.39
CA PRO A 96 -18.88 10.31 -32.21
C PRO A 96 -18.65 11.04 -33.51
N PRO A 97 -18.37 12.34 -33.45
CA PRO A 97 -18.22 13.13 -34.69
C PRO A 97 -17.06 12.69 -35.57
N GLU A 98 -16.13 11.87 -35.05
CA GLU A 98 -14.98 11.40 -35.81
C GLU A 98 -14.12 12.55 -36.30
N MET B 1 -42.66 6.16 -9.78
CA MET B 1 -41.99 4.87 -9.71
C MET B 1 -41.02 4.75 -10.87
N TYR B 2 -41.04 5.76 -11.75
CA TYR B 2 -40.18 5.78 -12.93
C TYR B 2 -40.08 7.23 -13.39
N VAL B 3 -38.85 7.73 -13.54
CA VAL B 3 -38.64 9.06 -14.12
C VAL B 3 -38.23 8.93 -15.57
N LYS B 4 -38.79 9.80 -16.41
CA LYS B 4 -38.50 9.83 -17.83
C LYS B 4 -37.33 10.77 -18.11
N LEU B 5 -36.36 10.30 -18.89
CA LEU B 5 -35.20 11.10 -19.25
C LEU B 5 -35.14 11.27 -20.76
N ILE B 6 -35.01 12.51 -21.22
CA ILE B 6 -35.02 12.84 -22.65
C ILE B 6 -33.62 13.30 -23.06
N SER B 7 -33.03 12.59 -24.01
CA SER B 7 -31.73 12.98 -24.56
C SER B 7 -31.88 14.19 -25.46
N SER B 8 -30.96 15.16 -25.31
CA SER B 8 -30.93 16.31 -26.20
C SER B 8 -30.86 15.90 -27.65
N ASP B 9 -30.20 14.78 -27.94
CA ASP B 9 -30.10 14.30 -29.32
C ASP B 9 -31.47 13.97 -29.87
N GLY B 10 -32.34 13.38 -29.06
CA GLY B 10 -33.65 12.99 -29.53
C GLY B 10 -34.04 11.61 -29.04
N HIS B 11 -33.28 11.07 -28.10
CA HIS B 11 -33.57 9.80 -27.46
C HIS B 11 -34.22 10.04 -26.10
N GLU B 12 -35.05 9.09 -25.69
CA GLU B 12 -35.68 9.13 -24.39
C GLU B 12 -35.48 7.81 -23.68
N PHE B 13 -34.99 7.86 -22.44
CA PHE B 13 -34.92 6.68 -21.60
C PHE B 13 -35.86 6.87 -20.41
N ILE B 14 -36.02 5.80 -19.62
CA ILE B 14 -36.77 5.90 -18.38
C ILE B 14 -36.13 4.95 -17.37
N VAL B 15 -35.97 5.42 -16.13
CA VAL B 15 -35.27 4.65 -15.11
C VAL B 15 -36.02 4.85 -13.81
N LYS B 16 -36.05 3.79 -12.99
CA LYS B 16 -36.81 3.81 -11.73
C LYS B 16 -36.43 5.03 -10.90
N ARG B 17 -37.36 5.47 -10.06
CA ARG B 17 -37.10 6.62 -9.19
C ARG B 17 -35.99 6.31 -8.19
N GLU B 18 -35.96 5.08 -7.67
CA GLU B 18 -34.92 4.69 -6.71
C GLU B 18 -33.53 4.78 -7.33
N HIS B 19 -33.38 4.29 -8.56
CA HIS B 19 -32.10 4.31 -9.25
C HIS B 19 -31.60 5.73 -9.48
N ALA B 20 -32.50 6.63 -9.85
CA ALA B 20 -32.19 8.05 -10.03
C ALA B 20 -31.78 8.77 -8.75
N LEU B 21 -32.19 8.29 -7.57
CA LEU B 21 -31.81 8.97 -6.34
C LEU B 21 -30.32 9.08 -6.12
N THR B 22 -29.52 8.19 -6.70
CA THR B 22 -28.08 8.27 -6.51
C THR B 22 -27.42 9.48 -7.16
N SER B 23 -28.10 10.24 -8.01
CA SER B 23 -27.52 11.46 -8.55
C SER B 23 -28.08 12.72 -7.88
N GLY B 24 -27.19 13.59 -7.43
CA GLY B 24 -27.59 14.81 -6.73
C GLY B 24 -28.36 15.82 -7.57
N THR B 25 -27.92 16.05 -8.81
CA THR B 25 -28.51 17.11 -9.63
C THR B 25 -29.97 16.84 -9.96
N ILE B 26 -30.29 15.65 -10.47
CA ILE B 26 -31.68 15.38 -10.81
C ILE B 26 -32.56 15.39 -9.57
N LYS B 27 -32.05 14.87 -8.45
CA LYS B 27 -32.83 14.91 -7.21
C LYS B 27 -33.15 16.34 -6.81
N ALA B 28 -32.15 17.23 -6.88
CA ALA B 28 -32.39 18.63 -6.55
C ALA B 28 -33.38 19.26 -7.53
N MET B 29 -33.25 18.90 -8.82
CA MET B 29 -34.13 19.46 -9.85
C MET B 29 -35.56 19.02 -9.63
N LEU B 30 -35.77 17.78 -9.22
CA LEU B 30 -37.11 17.20 -9.15
C LEU B 30 -37.66 17.17 -7.73
N SER B 31 -36.90 16.64 -6.78
CA SER B 31 -37.34 16.62 -5.38
C SER B 31 -37.30 18.03 -4.83
N GLY B 32 -38.47 18.64 -4.69
CA GLY B 32 -38.57 20.04 -4.35
C GLY B 32 -39.00 20.85 -5.55
N PRO B 33 -38.04 21.53 -6.19
CA PRO B 33 -38.28 22.34 -7.39
C PRO B 33 -38.89 21.56 -8.55
N ASN B 42 -42.60 13.97 -13.40
CA ASN B 42 -42.55 15.16 -14.25
C ASN B 42 -41.54 14.95 -15.37
N GLU B 43 -41.04 16.05 -15.95
CA GLU B 43 -40.11 15.95 -17.06
C GLU B 43 -38.81 16.70 -16.76
N VAL B 44 -37.70 16.09 -17.16
CA VAL B 44 -36.35 16.63 -17.01
C VAL B 44 -35.67 16.51 -18.38
N ASN B 45 -35.10 17.60 -18.87
CA ASN B 45 -34.38 17.57 -20.14
C ASN B 45 -32.90 17.87 -19.94
N PHE B 46 -32.06 16.94 -20.39
CA PHE B 46 -30.59 17.05 -20.32
C PHE B 46 -30.09 17.63 -21.64
N ARG B 47 -30.26 18.93 -21.80
CA ARG B 47 -29.91 19.59 -23.05
C ARG B 47 -28.40 19.54 -23.29
N GLU B 48 -28.03 19.52 -24.58
CA GLU B 48 -26.72 19.19 -25.13
C GLU B 48 -26.32 17.72 -25.07
N ILE B 49 -26.82 16.96 -24.09
CA ILE B 49 -26.31 15.61 -23.82
C ILE B 49 -26.57 14.70 -25.02
N PRO B 50 -25.55 14.08 -25.63
CA PRO B 50 -25.83 13.11 -26.70
C PRO B 50 -26.58 11.88 -26.18
N SER B 51 -27.05 11.07 -27.13
CA SER B 51 -27.78 9.86 -26.78
C SER B 51 -26.92 8.81 -26.08
N HIS B 52 -25.75 8.52 -26.66
CA HIS B 52 -24.86 7.48 -26.12
C HIS B 52 -24.29 7.84 -24.75
N VAL B 53 -23.97 9.11 -24.53
CA VAL B 53 -23.48 9.50 -23.22
C VAL B 53 -24.56 9.29 -22.16
N LEU B 54 -25.81 9.66 -22.48
CA LEU B 54 -26.91 9.42 -21.56
C LEU B 54 -27.10 7.93 -21.30
N SER B 55 -27.00 7.11 -22.34
CA SER B 55 -27.13 5.66 -22.15
C SER B 55 -26.05 5.14 -21.22
N LYS B 56 -24.80 5.57 -21.42
CA LYS B 56 -23.71 5.09 -20.57
C LYS B 56 -23.88 5.55 -19.12
N VAL B 57 -24.27 6.82 -18.91
CA VAL B 57 -24.43 7.28 -17.53
C VAL B 57 -25.57 6.53 -16.85
N CYS B 58 -26.66 6.26 -17.57
CA CYS B 58 -27.76 5.50 -16.97
C CYS B 58 -27.32 4.08 -16.64
N MET B 59 -26.52 3.48 -17.51
CA MET B 59 -25.97 2.16 -17.22
C MET B 59 -25.11 2.23 -15.95
N TYR B 60 -24.40 3.35 -15.77
CA TYR B 60 -23.65 3.52 -14.53
C TYR B 60 -24.59 3.59 -13.33
N PHE B 61 -25.73 4.28 -13.47
CA PHE B 61 -26.75 4.26 -12.41
C PHE B 61 -27.12 2.84 -12.01
N THR B 62 -27.51 2.03 -13.00
CA THR B 62 -27.88 0.64 -12.72
C THR B 62 -26.73 -0.06 -12.00
N TYR B 63 -25.52 0.08 -12.54
CA TYR B 63 -24.34 -0.58 -11.98
C TYR B 63 -24.13 -0.18 -10.52
N LYS B 64 -24.12 1.13 -10.24
CA LYS B 64 -23.88 1.60 -8.90
C LYS B 64 -24.95 1.13 -7.92
N VAL B 65 -26.22 1.17 -8.31
CA VAL B 65 -27.25 0.70 -7.38
C VAL B 65 -27.10 -0.79 -7.11
N ARG B 66 -26.79 -1.58 -8.14
CA ARG B 66 -26.59 -3.02 -7.97
C ARG B 66 -25.39 -3.34 -7.07
N TYR B 67 -24.29 -2.59 -7.21
CA TYR B 67 -23.01 -2.83 -6.54
C TYR B 67 -22.63 -1.81 -5.49
N THR B 68 -23.62 -1.11 -4.91
CA THR B 68 -23.46 -0.08 -3.88
C THR B 68 -22.85 -0.70 -2.63
N ASN B 69 -23.19 -0.21 -1.44
CA ASN B 69 -22.61 -0.64 -0.16
C ASN B 69 -21.98 -2.04 -0.14
N SER B 70 -22.48 -2.96 -0.95
CA SER B 70 -21.86 -4.29 -1.05
C SER B 70 -20.44 -4.14 -1.62
N SER B 71 -19.48 -4.81 -0.99
CA SER B 71 -18.12 -4.82 -1.49
C SER B 71 -17.68 -6.26 -1.75
N THR B 72 -17.73 -6.66 -3.02
CA THR B 72 -17.42 -8.02 -3.43
C THR B 72 -16.46 -7.89 -4.61
N GLU B 73 -16.28 -8.99 -5.34
CA GLU B 73 -15.53 -9.02 -6.59
C GLU B 73 -16.31 -8.31 -7.69
N ILE B 74 -16.72 -7.07 -7.42
CA ILE B 74 -17.42 -6.27 -8.43
C ILE B 74 -16.47 -5.96 -9.58
N PRO B 75 -16.89 -6.18 -10.81
CA PRO B 75 -16.03 -5.92 -11.97
C PRO B 75 -15.94 -4.45 -12.34
N GLU B 76 -15.00 -4.20 -13.25
CA GLU B 76 -14.68 -2.89 -13.80
C GLU B 76 -15.82 -2.42 -14.70
N PHE B 77 -15.90 -1.11 -14.90
CA PHE B 77 -16.93 -0.55 -15.76
C PHE B 77 -16.27 0.09 -16.98
N PRO B 78 -16.22 -0.64 -18.09
CA PRO B 78 -15.44 -0.20 -19.25
C PRO B 78 -15.91 1.10 -19.84
N ILE B 79 -14.95 1.90 -20.29
CA ILE B 79 -15.20 3.16 -20.99
C ILE B 79 -14.11 3.27 -22.03
N ALA B 80 -14.47 3.12 -23.30
CA ALA B 80 -13.51 3.21 -24.39
C ALA B 80 -12.81 4.57 -24.35
N PRO B 81 -11.51 4.63 -24.61
CA PRO B 81 -10.82 5.92 -24.49
C PRO B 81 -11.38 6.98 -25.42
N GLU B 82 -11.87 6.60 -26.60
CA GLU B 82 -12.37 7.61 -27.51
C GLU B 82 -13.63 8.27 -26.97
N ILE B 83 -14.39 7.58 -26.11
CA ILE B 83 -15.58 8.15 -25.50
C ILE B 83 -15.31 8.52 -24.05
N ALA B 84 -14.69 9.66 -23.83
CA ALA B 84 -14.25 9.98 -22.48
C ALA B 84 -14.51 11.44 -22.11
N LEU B 85 -14.22 12.35 -23.04
CA LEU B 85 -14.34 13.78 -22.75
C LEU B 85 -15.79 14.18 -22.55
N GLU B 86 -16.68 13.68 -23.41
CA GLU B 86 -18.09 13.99 -23.30
C GLU B 86 -18.71 13.34 -22.08
N LEU B 87 -18.29 12.11 -21.76
CA LEU B 87 -18.77 11.48 -20.53
C LEU B 87 -18.32 12.27 -19.30
N LEU B 88 -17.09 12.79 -19.31
CA LEU B 88 -16.64 13.62 -18.21
C LEU B 88 -17.45 14.91 -18.09
N MET B 89 -17.77 15.53 -19.24
CA MET B 89 -18.60 16.73 -19.20
C MET B 89 -19.98 16.42 -18.61
N ALA B 90 -20.58 15.31 -19.05
CA ALA B 90 -21.88 14.91 -18.53
C ALA B 90 -21.83 14.65 -17.04
N ALA B 91 -20.79 13.95 -16.58
CA ALA B 91 -20.67 13.65 -15.17
C ALA B 91 -20.51 14.92 -14.35
N ASN B 92 -19.69 15.85 -14.82
CA ASN B 92 -19.53 17.12 -14.11
C ASN B 92 -20.84 17.89 -14.04
N PHE B 93 -21.62 17.89 -15.12
CA PHE B 93 -22.91 18.56 -15.09
C PHE B 93 -23.87 17.87 -14.13
N LEU B 94 -23.92 16.54 -14.14
CA LEU B 94 -24.87 15.79 -13.33
C LEU B 94 -24.40 15.52 -11.90
N ASP B 95 -23.14 15.77 -11.58
CA ASP B 95 -22.63 15.42 -10.26
C ASP B 95 -21.75 16.52 -9.70
N ARG C 17 -30.24 4.27 16.87
CA ARG C 17 -30.51 2.92 16.40
C ARG C 17 -29.92 2.67 15.03
N VAL C 18 -28.58 2.64 14.96
CA VAL C 18 -27.89 2.30 13.72
C VAL C 18 -27.42 0.86 13.71
N VAL C 19 -27.26 0.22 14.88
CA VAL C 19 -27.05 -1.22 14.92
C VAL C 19 -28.12 -2.01 14.15
N PRO C 20 -29.42 -1.73 14.28
CA PRO C 20 -30.39 -2.48 13.46
C PRO C 20 -30.10 -2.32 11.97
N ASP C 21 -29.71 -1.12 11.53
CA ASP C 21 -29.37 -0.92 10.12
C ASP C 21 -28.16 -1.76 9.74
N GLN C 22 -27.16 -1.83 10.62
CA GLN C 22 -25.97 -2.65 10.35
C GLN C 22 -26.38 -4.11 10.20
N ARG C 23 -27.23 -4.60 11.11
CA ARG C 23 -27.70 -5.99 11.04
C ARG C 23 -28.49 -6.22 9.77
N SER C 24 -29.32 -5.25 9.39
CA SER C 24 -30.10 -5.33 8.16
C SER C 24 -29.16 -5.48 6.97
N LYS C 25 -28.03 -4.75 7.00
CA LYS C 25 -27.01 -4.81 5.95
C LYS C 25 -26.44 -6.23 5.80
N PHE C 26 -27.00 -7.20 6.53
CA PHE C 26 -26.51 -8.57 6.52
C PHE C 26 -26.50 -9.11 5.10
N GLU C 27 -27.54 -8.78 4.34
CA GLU C 27 -27.76 -9.27 2.99
C GLU C 27 -26.82 -8.58 2.02
N ASN C 28 -26.45 -7.33 2.32
CA ASN C 28 -25.79 -6.45 1.36
C ASN C 28 -24.35 -6.17 1.72
N GLU C 29 -23.84 -6.71 2.83
CA GLU C 29 -22.49 -6.38 3.32
C GLU C 29 -21.65 -7.63 3.09
N GLU C 30 -20.44 -7.46 2.56
CA GLU C 30 -19.47 -8.56 2.52
C GLU C 30 -19.19 -9.18 3.90
N PHE C 31 -19.06 -8.36 4.93
CA PHE C 31 -18.36 -8.78 6.14
C PHE C 31 -19.33 -9.18 7.23
N PHE C 32 -20.61 -9.30 6.89
CA PHE C 32 -21.56 -10.13 7.63
C PHE C 32 -22.04 -11.31 6.80
N ARG C 33 -21.63 -11.39 5.54
CA ARG C 33 -22.18 -12.31 4.55
C ARG C 33 -21.14 -13.35 4.17
N LYS C 34 -19.94 -13.25 4.74
CA LYS C 34 -18.88 -14.19 4.46
C LYS C 34 -18.46 -14.98 5.70
N LEU C 35 -18.92 -14.59 6.88
CA LEU C 35 -18.50 -15.24 8.13
C LEU C 35 -19.66 -15.36 9.12
N SER C 36 -20.90 -15.10 8.70
CA SER C 36 -22.05 -15.23 9.60
C SER C 36 -23.26 -15.81 8.89
N ARG C 37 -23.06 -16.70 7.93
CA ARG C 37 -24.18 -17.28 7.18
C ARG C 37 -24.12 -18.80 7.16
N GLU C 38 -23.97 -19.43 8.34
CA GLU C 38 -23.97 -20.89 8.40
C GLU C 38 -22.84 -21.49 7.57
N CYS C 39 -21.63 -21.55 8.13
CA CYS C 39 -20.49 -22.11 7.43
C CYS C 39 -19.78 -23.12 8.32
N GLU C 40 -19.41 -24.24 7.70
CA GLU C 40 -18.70 -25.32 8.37
C GLU C 40 -17.26 -24.94 8.71
N ILE C 41 -16.88 -25.24 9.95
CA ILE C 41 -15.59 -24.89 10.52
C ILE C 41 -14.93 -26.16 11.03
N LYS C 42 -13.60 -26.12 11.16
CA LYS C 42 -12.83 -27.23 11.67
C LYS C 42 -11.68 -26.68 12.50
N TYR C 43 -11.26 -27.44 13.50
CA TYR C 43 -10.08 -27.09 14.27
C TYR C 43 -8.80 -27.43 13.53
N THR C 44 -7.93 -26.45 13.38
CA THR C 44 -6.72 -26.59 12.60
C THR C 44 -5.59 -26.84 13.59
N GLY C 45 -5.16 -28.09 13.69
CA GLY C 45 -4.18 -28.44 14.69
C GLY C 45 -2.80 -28.57 14.09
N PHE C 46 -2.01 -29.52 14.60
CA PHE C 46 -0.71 -29.81 13.99
C PHE C 46 -0.90 -30.36 12.58
N ARG C 47 -1.94 -31.17 12.37
CA ARG C 47 -2.34 -31.78 11.11
C ARG C 47 -1.38 -32.86 10.60
N ASP C 48 -0.23 -33.07 11.24
CA ASP C 48 0.72 -34.06 10.77
C ASP C 48 0.64 -35.35 11.57
N ARG C 49 0.52 -35.22 12.89
CA ARG C 49 0.56 -36.36 13.79
C ARG C 49 -0.67 -37.23 13.57
N PRO C 50 -0.64 -38.49 14.02
CA PRO C 50 -1.78 -39.38 13.75
C PRO C 50 -3.02 -38.89 14.47
N HIS C 51 -4.17 -39.44 14.05
CA HIS C 51 -5.46 -38.90 14.46
C HIS C 51 -5.62 -38.92 15.98
N GLU C 52 -5.28 -40.05 16.62
CA GLU C 52 -5.45 -40.11 18.07
C GLU C 52 -4.59 -39.07 18.77
N GLU C 53 -3.35 -38.89 18.29
CA GLU C 53 -2.49 -37.85 18.85
C GLU C 53 -3.11 -36.47 18.66
N ARG C 54 -3.72 -36.23 17.50
CA ARG C 54 -4.37 -34.94 17.26
C ARG C 54 -5.50 -34.70 18.26
N GLN C 55 -6.35 -35.71 18.48
CA GLN C 55 -7.43 -35.55 19.44
C GLN C 55 -6.88 -35.29 20.83
N ALA C 56 -5.84 -36.03 21.22
CA ALA C 56 -5.25 -35.86 22.54
C ALA C 56 -4.71 -34.45 22.71
N ARG C 57 -3.97 -33.97 21.71
CA ARG C 57 -3.38 -32.63 21.80
C ARG C 57 -4.47 -31.57 21.84
N PHE C 58 -5.53 -31.73 21.03
CA PHE C 58 -6.61 -30.75 21.04
C PHE C 58 -7.30 -30.72 22.40
N GLN C 59 -7.59 -31.88 22.97
CA GLN C 59 -8.26 -31.95 24.27
C GLN C 59 -7.38 -31.35 25.35
N ASN C 60 -6.07 -31.65 25.31
CA ASN C 60 -5.15 -31.11 26.31
C ASN C 60 -5.12 -29.59 26.20
N ALA C 61 -5.09 -29.08 24.97
CA ALA C 61 -5.12 -27.64 24.78
C ALA C 61 -6.42 -27.03 25.27
N CYS C 62 -7.55 -27.70 25.02
CA CYS C 62 -8.81 -27.19 25.52
C CYS C 62 -8.86 -27.10 27.05
N ARG C 63 -8.36 -28.12 27.77
CA ARG C 63 -8.35 -27.93 29.22
C ARG C 63 -7.37 -26.82 29.60
N ASP C 64 -6.13 -26.97 29.17
CA ASP C 64 -5.04 -26.12 29.63
C ASP C 64 -5.22 -24.73 29.07
N GLY C 65 -4.81 -23.68 29.78
CA GLY C 65 -5.22 -22.43 29.19
C GLY C 65 -3.99 -21.84 28.51
N ARG C 66 -2.99 -22.70 28.29
CA ARG C 66 -1.72 -22.29 27.68
C ARG C 66 -1.57 -22.83 26.26
N SER C 67 -2.26 -22.25 25.28
CA SER C 67 -2.06 -22.72 23.90
C SER C 67 -2.76 -21.77 22.92
N GLU C 68 -2.79 -22.19 21.65
CA GLU C 68 -3.49 -21.51 20.57
C GLU C 68 -4.55 -22.42 19.97
N ILE C 69 -5.64 -21.82 19.48
CA ILE C 69 -6.75 -22.57 18.88
C ILE C 69 -7.10 -21.87 17.57
N ALA C 70 -7.27 -22.65 16.50
CA ALA C 70 -7.52 -22.09 15.17
C ALA C 70 -8.81 -22.66 14.58
N PHE C 71 -9.56 -21.79 13.91
CA PHE C 71 -10.81 -22.15 13.24
C PHE C 71 -10.82 -21.69 11.79
N VAL C 72 -11.07 -22.61 10.87
CA VAL C 72 -11.05 -22.38 9.43
C VAL C 72 -12.48 -22.45 8.91
N ALA C 73 -12.84 -21.56 7.98
CA ALA C 73 -14.10 -21.68 7.26
C ALA C 73 -14.23 -22.92 6.37
N THR C 74 -13.23 -23.81 6.42
CA THR C 74 -13.05 -24.92 5.49
C THR C 74 -13.17 -24.56 4.01
N GLY C 75 -12.22 -23.74 3.54
CA GLY C 75 -12.33 -23.22 2.19
C GLY C 75 -12.10 -21.75 1.91
N THR C 76 -11.54 -21.01 2.85
CA THR C 76 -11.37 -19.57 2.73
C THR C 76 -10.01 -19.23 3.32
N ASN C 77 -9.80 -17.93 3.55
CA ASN C 77 -8.57 -17.45 4.15
C ASN C 77 -8.79 -17.02 5.59
N LEU C 78 -10.05 -16.94 6.02
CA LEU C 78 -10.37 -16.43 7.34
C LEU C 78 -10.15 -17.48 8.41
N SER C 79 -9.58 -17.06 9.53
CA SER C 79 -9.39 -17.94 10.67
C SER C 79 -9.68 -17.16 11.94
N LEU C 80 -10.25 -17.82 12.94
CA LEU C 80 -10.46 -17.23 14.25
C LEU C 80 -9.38 -17.72 15.21
N GLN C 81 -8.71 -16.79 15.88
CA GLN C 81 -7.66 -17.13 16.83
C GLN C 81 -8.09 -16.74 18.23
N PHE C 82 -8.04 -17.70 19.15
CA PHE C 82 -8.14 -17.44 20.58
C PHE C 82 -6.76 -17.45 21.20
N PHE C 83 -6.32 -16.26 21.75
CA PHE C 83 -5.09 -16.18 22.54
C PHE C 83 -5.40 -16.14 24.03
N PRO C 84 -4.53 -16.75 24.84
CA PRO C 84 -4.65 -16.60 26.30
C PRO C 84 -4.56 -15.14 26.71
N ALA C 85 -5.42 -14.75 27.65
CA ALA C 85 -5.50 -13.35 28.06
C ALA C 85 -4.21 -12.86 28.71
N SER C 86 -3.33 -13.78 29.12
CA SER C 86 -2.07 -13.35 29.72
C SER C 86 -1.15 -12.75 28.67
N TRP C 87 -1.10 -13.34 27.48
CA TRP C 87 -0.19 -12.91 26.42
C TRP C 87 -0.37 -11.43 26.08
N ARG C 97 -16.53 -11.99 28.95
CA ARG C 97 -17.70 -12.86 28.90
C ARG C 97 -17.55 -13.90 27.78
N GLU C 98 -16.30 -14.24 27.48
CA GLU C 98 -16.00 -15.38 26.63
C GLU C 98 -15.68 -16.61 27.46
N TYR C 99 -15.82 -17.78 26.83
CA TYR C 99 -15.58 -19.04 27.50
C TYR C 99 -15.47 -20.14 26.46
N VAL C 100 -14.90 -21.27 26.87
CA VAL C 100 -14.88 -22.49 26.06
C VAL C 100 -15.40 -23.61 26.97
N ASP C 101 -16.70 -23.84 26.92
CA ASP C 101 -17.31 -24.82 27.81
C ASP C 101 -17.31 -26.19 27.15
N LEU C 102 -17.11 -27.23 27.96
CA LEU C 102 -17.02 -28.59 27.44
C LEU C 102 -17.91 -29.60 28.14
N GLU C 103 -18.26 -29.42 29.42
CA GLU C 103 -19.00 -30.48 30.10
C GLU C 103 -20.40 -30.60 29.52
N ARG C 104 -21.00 -29.47 29.14
CA ARG C 104 -22.38 -29.45 28.69
C ARG C 104 -22.47 -30.32 27.43
N GLU C 105 -23.46 -31.21 27.35
CA GLU C 105 -23.60 -32.00 26.12
C GLU C 105 -22.27 -32.74 25.94
N ALA C 106 -22.08 -33.83 26.69
CA ALA C 106 -20.79 -34.51 26.69
C ALA C 106 -20.42 -35.05 25.32
N GLY C 107 -19.18 -34.74 24.96
CA GLY C 107 -18.57 -34.96 23.67
C GLY C 107 -18.66 -33.77 22.75
N LYS C 108 -18.92 -32.58 23.30
CA LYS C 108 -19.02 -31.35 22.54
C LYS C 108 -18.25 -30.26 23.26
N VAL C 109 -17.72 -29.29 22.52
CA VAL C 109 -17.09 -28.12 23.11
C VAL C 109 -17.86 -26.90 22.59
N TYR C 110 -18.23 -26.01 23.51
CA TYR C 110 -19.03 -24.83 23.17
C TYR C 110 -18.18 -23.58 23.23
N LEU C 111 -18.24 -22.77 22.16
CA LEU C 111 -17.39 -21.61 22.01
C LEU C 111 -18.23 -20.35 22.00
N LYS C 112 -17.91 -19.40 22.87
CA LYS C 112 -18.58 -18.10 22.90
C LYS C 112 -17.53 -17.00 22.87
N ALA C 113 -17.65 -16.07 21.91
CA ALA C 113 -16.63 -15.04 21.70
C ALA C 113 -17.28 -13.70 21.37
N PRO C 114 -17.32 -12.77 22.31
CA PRO C 114 -17.71 -11.39 21.97
C PRO C 114 -16.64 -10.71 21.15
N MET C 115 -17.06 -9.82 20.26
CA MET C 115 -16.16 -9.06 19.40
C MET C 115 -16.82 -7.75 19.02
N ILE C 116 -16.01 -6.86 18.45
CA ILE C 116 -16.49 -5.64 17.80
C ILE C 116 -15.95 -5.67 16.38
N LEU C 117 -16.86 -5.78 15.41
CA LEU C 117 -16.50 -5.93 14.00
C LEU C 117 -16.99 -4.72 13.22
N ASN C 118 -16.08 -4.05 12.50
CA ASN C 118 -16.41 -2.94 11.62
C ASN C 118 -17.25 -1.87 12.31
N GLY C 119 -17.13 -1.76 13.63
CA GLY C 119 -17.79 -0.72 14.40
C GLY C 119 -19.05 -1.13 15.13
N VAL C 120 -19.51 -2.36 14.94
CA VAL C 120 -20.72 -2.86 15.58
C VAL C 120 -20.34 -4.00 16.51
N CYS C 121 -20.89 -3.99 17.72
CA CYS C 121 -20.56 -5.01 18.70
C CYS C 121 -21.39 -6.24 18.39
N VAL C 122 -20.74 -7.42 18.35
CA VAL C 122 -21.40 -8.65 17.94
C VAL C 122 -20.94 -9.76 18.89
N ILE C 123 -21.67 -10.88 18.90
CA ILE C 123 -21.28 -12.10 19.62
C ILE C 123 -21.12 -13.31 18.70
N TRP C 124 -19.97 -13.99 18.81
CA TRP C 124 -19.68 -15.26 18.15
C TRP C 124 -19.88 -16.48 19.04
N LYS C 125 -20.75 -17.40 18.60
CA LYS C 125 -21.05 -18.65 19.29
C LYS C 125 -20.75 -19.85 18.40
N GLY C 126 -20.00 -20.85 18.90
CA GLY C 126 -19.68 -22.01 18.10
C GLY C 126 -19.69 -23.30 18.91
N TRP C 127 -19.70 -24.45 18.19
CA TRP C 127 -19.55 -25.75 18.83
C TRP C 127 -18.74 -26.71 17.95
N ILE C 128 -17.83 -27.46 18.58
CA ILE C 128 -17.01 -28.45 17.87
C ILE C 128 -17.17 -29.82 18.50
N ASP C 129 -17.31 -30.85 17.67
CA ASP C 129 -17.35 -32.23 18.15
C ASP C 129 -15.93 -32.81 18.06
N LEU C 130 -15.37 -33.20 19.21
CA LEU C 130 -13.98 -33.64 19.25
C LEU C 130 -13.72 -34.96 18.51
N GLN C 131 -14.76 -35.77 18.29
CA GLN C 131 -14.57 -37.00 17.52
C GLN C 131 -14.18 -36.70 16.08
N ARG C 132 -14.82 -35.71 15.47
CA ARG C 132 -14.55 -35.38 14.08
C ARG C 132 -13.75 -34.09 13.92
N LEU C 133 -13.60 -33.30 14.97
CA LEU C 133 -12.83 -32.05 14.95
C LEU C 133 -13.39 -31.08 13.92
N ASP C 134 -14.71 -31.03 13.82
CA ASP C 134 -15.41 -30.01 13.05
C ASP C 134 -16.76 -29.80 13.68
N GLY C 135 -17.50 -28.83 13.14
CA GLY C 135 -18.79 -28.47 13.74
C GLY C 135 -19.37 -27.24 13.07
N MET C 136 -20.12 -26.47 13.85
CA MET C 136 -20.90 -25.37 13.30
C MET C 136 -20.74 -24.12 14.13
N GLY C 137 -20.65 -22.99 13.45
CA GLY C 137 -20.58 -21.70 14.08
C GLY C 137 -21.52 -20.74 13.41
N CYS C 138 -21.94 -19.73 14.16
CA CYS C 138 -22.85 -18.74 13.62
C CYS C 138 -22.60 -17.46 14.38
N LEU C 139 -23.10 -16.36 13.85
CA LEU C 139 -22.78 -15.09 14.46
C LEU C 139 -24.10 -14.38 14.74
N GLU C 140 -24.22 -13.73 15.90
CA GLU C 140 -25.46 -13.01 16.23
C GLU C 140 -25.15 -11.66 16.86
N PHE C 141 -26.16 -10.79 16.83
CA PHE C 141 -26.04 -9.44 17.38
C PHE C 141 -26.17 -9.48 18.89
N ASP C 142 -25.38 -8.65 19.56
CA ASP C 142 -25.34 -8.54 21.01
C ASP C 142 -26.01 -7.24 21.49
N GLU C 143 -27.16 -7.39 22.13
CA GLU C 143 -27.91 -6.25 22.61
C GLU C 143 -27.42 -5.87 24.01
N GLU C 144 -27.92 -4.73 24.51
CA GLU C 144 -27.47 -4.11 25.75
C GLU C 144 -26.09 -3.47 25.61
N ARG C 145 -25.15 -4.18 24.98
CA ARG C 145 -23.76 -3.76 24.97
C ARG C 145 -23.43 -2.73 23.89
N ALA C 146 -24.16 -1.62 23.86
CA ALA C 146 -23.89 -0.67 22.79
C ALA C 146 -23.78 0.77 23.28
N GLN C 147 -24.69 1.20 24.16
CA GLN C 147 -24.72 2.55 24.74
C GLN C 147 -23.73 2.82 25.87
N GLN C 148 -23.22 1.79 26.55
CA GLN C 148 -22.28 2.05 27.65
C GLN C 148 -20.87 2.43 27.21
N GLU C 149 -20.37 1.91 26.08
CA GLU C 149 -19.00 2.27 25.72
C GLU C 149 -18.81 3.75 25.43
N ASP C 150 -19.24 4.25 24.26
CA ASP C 150 -19.05 5.66 23.96
C ASP C 150 -19.73 6.11 22.67
N ALA C 151 -20.50 7.19 22.73
CA ALA C 151 -21.19 7.68 21.54
C ALA C 151 -20.20 8.36 20.59
N LEU C 152 -19.22 9.06 21.16
CA LEU C 152 -18.25 9.81 20.37
C LEU C 152 -17.41 8.91 19.46
N ALA C 153 -16.98 7.75 19.96
CA ALA C 153 -16.18 6.88 19.12
C ALA C 153 -16.99 6.28 17.97
N GLN C 154 -18.22 5.84 18.24
CA GLN C 154 -19.13 5.42 17.18
C GLN C 154 -19.27 6.50 16.10
N GLN C 155 -19.60 7.73 16.53
CA GLN C 155 -19.82 8.80 15.56
C GLN C 155 -18.54 9.11 14.80
N ALA C 156 -17.40 9.14 15.48
CA ALA C 156 -16.12 9.42 14.84
C ALA C 156 -15.81 8.39 13.76
N PHE C 157 -15.99 7.10 14.08
CA PHE C 157 -15.70 6.06 13.09
C PHE C 157 -16.65 6.17 11.91
N GLU C 158 -17.94 6.42 12.17
CA GLU C 158 -18.90 6.60 11.08
C GLU C 158 -18.48 7.75 10.18
N GLU C 159 -18.13 8.89 10.78
CA GLU C 159 -17.71 10.06 10.00
C GLU C 159 -16.45 9.76 9.20
N ALA C 160 -15.52 9.03 9.80
CA ALA C 160 -14.28 8.70 9.10
C ALA C 160 -14.58 7.85 7.87
N ARG C 161 -15.48 6.87 8.03
CA ARG C 161 -15.76 5.96 6.93
C ARG C 161 -16.63 6.60 5.88
N ARG C 162 -17.32 7.69 6.22
CA ARG C 162 -18.17 8.43 5.28
C ARG C 162 -17.39 9.32 4.31
N ARG C 163 -16.10 9.55 4.53
CA ARG C 163 -15.37 10.49 3.69
C ARG C 163 -14.89 9.83 2.41
N THR C 164 -14.74 10.62 1.34
CA THR C 164 -14.11 10.18 0.11
C THR C 164 -12.92 11.06 -0.27
N ARG C 165 -11.83 10.42 -0.71
CA ARG C 165 -10.61 11.17 -1.04
C ARG C 165 -10.80 12.07 -2.25
N GLU C 166 -11.46 11.56 -3.29
CA GLU C 166 -11.61 12.28 -4.55
C GLU C 166 -12.05 13.73 -4.35
N PHE C 167 -11.39 14.63 -5.10
CA PHE C 167 -11.75 16.05 -5.17
C PHE C 167 -11.96 16.67 -3.78
N GLU C 168 -11.21 16.18 -2.79
CA GLU C 168 -11.28 16.59 -1.40
C GLU C 168 -10.18 17.57 -1.02
N ASP C 169 -8.97 17.35 -1.53
CA ASP C 169 -7.83 18.21 -1.23
C ASP C 169 -8.05 19.62 -1.77
N ARG C 170 -7.56 20.59 -1.01
CA ARG C 170 -7.66 22.02 -1.27
C ARG C 170 -6.51 22.58 -2.10
N ASP C 171 -5.95 21.79 -3.02
CA ASP C 171 -4.82 22.24 -3.83
C ASP C 171 -3.60 22.59 -2.97
N MET D 1 -14.52 -22.95 36.48
CA MET D 1 -14.58 -21.66 35.80
C MET D 1 -13.48 -21.56 34.74
N GLU D 2 -13.89 -21.25 33.51
CA GLU D 2 -12.95 -21.11 32.40
C GLU D 2 -12.19 -19.78 32.51
N ASN D 3 -11.01 -19.74 31.89
CA ASN D 3 -10.17 -18.55 31.92
C ASN D 3 -10.67 -17.51 30.91
N ARG D 4 -10.21 -16.29 31.09
CA ARG D 4 -10.57 -15.22 30.17
C ARG D 4 -9.62 -15.24 28.97
N TRP D 5 -10.12 -14.82 27.81
CA TRP D 5 -9.37 -14.84 26.55
C TRP D 5 -9.76 -13.61 25.72
N GLN D 6 -8.89 -13.26 24.77
CA GLN D 6 -9.22 -12.40 23.64
C GLN D 6 -9.25 -13.15 22.32
N VAL D 7 -10.22 -12.80 21.48
CA VAL D 7 -10.44 -13.40 20.17
C VAL D 7 -10.14 -12.38 19.09
N MET D 8 -9.34 -12.78 18.10
CA MET D 8 -8.93 -11.96 16.97
C MET D 8 -9.34 -12.61 15.66
N ILE D 9 -9.41 -11.80 14.61
CA ILE D 9 -9.47 -12.30 13.24
C ILE D 9 -8.10 -12.19 12.58
N VAL D 10 -7.54 -13.34 12.21
CA VAL D 10 -6.19 -13.45 11.64
C VAL D 10 -6.30 -14.06 10.24
N TRP D 11 -5.77 -13.38 9.23
CA TRP D 11 -5.74 -13.92 7.87
C TRP D 11 -4.47 -14.73 7.67
N GLN D 12 -4.62 -16.02 7.37
CA GLN D 12 -3.49 -16.95 7.22
C GLN D 12 -2.79 -16.80 5.87
N VAL D 13 -1.50 -16.43 5.89
CA VAL D 13 -0.76 -16.20 4.65
C VAL D 13 0.56 -16.98 4.68
N ASP D 14 1.21 -17.05 3.52
CA ASP D 14 2.50 -17.70 3.34
C ASP D 14 3.63 -16.67 3.43
N ARG D 15 4.81 -17.14 3.86
CA ARG D 15 5.91 -16.25 4.17
C ARG D 15 6.42 -15.42 3.00
N MET D 16 6.22 -15.87 1.76
CA MET D 16 6.72 -15.07 0.64
C MET D 16 5.98 -13.74 0.57
N ARG D 17 4.66 -13.77 0.78
CA ARG D 17 3.89 -12.53 0.82
C ARG D 17 4.31 -11.65 1.99
N ILE D 18 4.64 -12.27 3.12
CA ILE D 18 5.08 -11.52 4.29
C ILE D 18 6.40 -10.79 4.02
N ASN D 19 7.38 -11.51 3.46
CA ASN D 19 8.66 -10.86 3.20
C ASN D 19 8.55 -9.83 2.07
N THR D 20 7.68 -10.07 1.09
CA THR D 20 7.46 -9.05 0.06
C THR D 20 6.86 -7.80 0.69
N TRP D 21 5.93 -7.97 1.64
CA TRP D 21 5.35 -6.82 2.31
C TRP D 21 6.41 -6.06 3.09
N LYS D 22 7.27 -6.77 3.80
CA LYS D 22 8.34 -6.11 4.54
C LYS D 22 9.24 -5.33 3.61
N ARG D 23 9.60 -5.92 2.47
CA ARG D 23 10.44 -5.21 1.51
C ARG D 23 9.76 -3.95 0.98
N LEU D 24 8.46 -4.06 0.63
CA LEU D 24 7.78 -2.91 0.06
C LEU D 24 7.59 -1.80 1.09
N VAL D 25 7.18 -2.16 2.31
CA VAL D 25 6.98 -1.15 3.35
C VAL D 25 8.29 -0.44 3.64
N LYS D 26 9.40 -1.19 3.74
CA LYS D 26 10.68 -0.55 4.01
C LYS D 26 11.09 0.35 2.85
N HIS D 27 10.94 -0.12 1.61
CA HIS D 27 11.36 0.70 0.48
C HIS D 27 10.60 2.01 0.42
N HIS D 28 9.28 1.96 0.65
CA HIS D 28 8.53 3.22 0.58
C HIS D 28 8.59 4.04 1.87
N MET D 29 9.02 3.45 2.98
CA MET D 29 9.27 4.25 4.15
C MET D 29 10.60 5.01 4.06
N TYR D 30 11.64 4.36 3.54
CA TYR D 30 13.00 4.90 3.57
C TYR D 30 13.51 5.42 2.24
N ILE D 31 13.44 4.61 1.18
CA ILE D 31 14.19 4.91 -0.03
C ILE D 31 13.52 6.02 -0.83
N SER D 32 12.30 5.76 -1.30
CA SER D 32 11.58 6.79 -2.05
C SER D 32 11.01 7.86 -1.14
N ARG D 33 10.79 7.54 0.14
CA ARG D 33 10.33 8.48 1.14
C ARG D 33 9.03 9.17 0.71
N LYS D 34 8.01 8.34 0.49
CA LYS D 34 6.65 8.85 0.32
C LYS D 34 5.86 8.75 1.62
N ALA D 35 5.91 7.60 2.27
CA ALA D 35 5.27 7.37 3.56
C ALA D 35 6.34 7.54 4.63
N LYS D 36 6.47 8.76 5.17
CA LYS D 36 7.51 9.02 6.15
C LYS D 36 7.01 9.07 7.59
N ASP D 37 5.71 9.25 7.80
CA ASP D 37 5.17 9.30 9.16
C ASP D 37 4.80 7.91 9.69
N TRP D 38 4.88 6.88 8.87
CA TRP D 38 4.61 5.52 9.33
C TRP D 38 5.71 5.06 10.28
N PHE D 39 5.35 4.10 11.12
CA PHE D 39 6.25 3.48 12.07
C PHE D 39 6.29 1.99 11.79
N TYR D 40 7.47 1.39 11.93
CA TYR D 40 7.62 -0.05 11.76
C TYR D 40 8.15 -0.53 13.10
N ARG D 41 7.46 -1.49 13.71
CA ARG D 41 7.85 -2.04 15.00
C ARG D 41 8.35 -3.48 14.92
N HIS D 42 9.54 -3.71 15.47
CA HIS D 42 10.14 -5.05 15.48
C HIS D 42 9.44 -5.94 16.49
N HIS D 43 9.65 -7.25 16.33
CA HIS D 43 9.00 -8.26 17.17
C HIS D 43 9.31 -8.14 18.66
N TYR D 44 10.49 -7.65 19.05
CA TYR D 44 10.80 -7.64 20.48
C TYR D 44 10.22 -6.46 21.26
N GLU D 45 8.94 -6.14 21.07
CA GLU D 45 8.33 -5.09 21.87
C GLU D 45 6.91 -5.39 22.32
N SER D 46 6.36 -6.57 22.01
CA SER D 46 4.99 -6.91 22.39
C SER D 46 5.01 -8.17 23.25
N THR D 47 4.10 -8.21 24.22
CA THR D 47 4.10 -9.31 25.20
C THR D 47 3.82 -10.65 24.52
N ASN D 48 2.88 -10.68 23.59
CA ASN D 48 2.51 -11.92 22.91
C ASN D 48 3.70 -12.42 22.10
N PRO D 49 4.22 -13.62 22.37
CA PRO D 49 5.40 -14.09 21.63
C PRO D 49 5.05 -14.77 20.32
N LYS D 50 4.09 -14.21 19.59
CA LYS D 50 3.78 -14.66 18.23
C LYS D 50 3.76 -13.52 17.23
N ILE D 51 3.74 -12.27 17.68
CA ILE D 51 3.78 -11.11 16.79
C ILE D 51 5.13 -11.06 16.09
N SER D 52 5.10 -10.95 14.77
CA SER D 52 6.31 -10.90 13.96
C SER D 52 6.76 -9.47 13.71
N SER D 53 5.81 -8.55 13.60
CA SER D 53 6.09 -7.14 13.35
C SER D 53 4.78 -6.38 13.42
N GLU D 54 4.88 -5.08 13.67
CA GLU D 54 3.73 -4.20 13.73
C GLU D 54 4.02 -2.96 12.90
N VAL D 55 2.99 -2.48 12.19
CA VAL D 55 3.05 -1.25 11.43
C VAL D 55 1.94 -0.31 11.93
N HIS D 56 2.34 0.86 12.42
CA HIS D 56 1.41 1.85 12.95
C HIS D 56 1.33 2.99 11.95
N ILE D 57 0.11 3.40 11.61
CA ILE D 57 -0.09 4.41 10.58
C ILE D 57 -0.93 5.53 11.19
N PRO D 58 -0.36 6.71 11.42
CA PRO D 58 -1.16 7.85 11.91
C PRO D 58 -2.19 8.29 10.88
N LEU D 59 -3.43 8.45 11.34
CA LEU D 59 -4.54 8.96 10.53
C LEU D 59 -5.11 10.15 11.29
N GLY D 60 -4.53 11.33 11.10
CA GLY D 60 -4.95 12.49 11.88
C GLY D 60 -4.63 12.31 13.34
N ASP D 61 -5.67 12.26 14.18
CA ASP D 61 -5.51 12.00 15.60
C ASP D 61 -5.86 10.56 15.97
N ALA D 62 -6.05 9.69 14.98
CA ALA D 62 -6.25 8.26 15.15
C ALA D 62 -5.05 7.51 14.59
N LYS D 63 -5.14 6.18 14.62
CA LYS D 63 -4.06 5.36 14.09
C LYS D 63 -4.61 4.01 13.64
N LEU D 64 -3.81 3.31 12.84
CA LEU D 64 -4.18 2.02 12.28
C LEU D 64 -3.00 1.08 12.41
N VAL D 65 -3.21 -0.08 13.04
CA VAL D 65 -2.13 -1.02 13.30
C VAL D 65 -2.40 -2.30 12.52
N ILE D 66 -1.45 -2.69 11.68
CA ILE D 66 -1.46 -3.97 11.00
C ILE D 66 -0.37 -4.83 11.63
N THR D 67 -0.76 -5.98 12.17
CA THR D 67 0.17 -6.85 12.88
C THR D 67 0.33 -8.14 12.09
N THR D 68 1.57 -8.57 11.92
CA THR D 68 1.86 -9.87 11.34
C THR D 68 2.34 -10.84 12.40
N TYR D 69 2.09 -12.13 12.17
CA TYR D 69 2.30 -13.17 13.16
C TYR D 69 3.15 -14.27 12.55
N TRP D 70 4.04 -14.84 13.34
CA TRP D 70 4.87 -15.93 12.85
C TRP D 70 4.38 -17.22 13.50
N GLY D 71 5.11 -18.31 13.27
CA GLY D 71 4.50 -19.62 13.17
C GLY D 71 3.34 -19.96 14.09
N LEU D 72 2.20 -20.09 13.45
CA LEU D 72 0.93 -20.56 14.01
C LEU D 72 0.56 -21.77 13.19
N HIS D 73 0.33 -22.92 13.85
CA HIS D 73 0.06 -24.20 13.22
C HIS D 73 1.39 -24.85 12.83
N THR D 74 2.50 -24.10 12.86
CA THR D 74 3.82 -24.59 12.47
C THR D 74 4.30 -25.73 13.35
N GLY D 75 5.47 -26.26 13.03
CA GLY D 75 6.09 -27.34 13.79
C GLY D 75 6.00 -28.56 12.90
N GLU D 76 7.11 -28.91 12.25
CA GLU D 76 7.13 -29.99 11.26
C GLU D 76 6.12 -29.53 10.21
N ARG D 77 5.23 -30.40 9.71
CA ARG D 77 4.20 -30.01 8.75
C ARG D 77 4.87 -29.29 7.57
N ASP D 78 4.43 -28.09 7.21
CA ASP D 78 5.07 -27.27 6.18
C ASP D 78 4.69 -25.83 6.45
N TRP D 79 5.05 -24.94 5.53
CA TRP D 79 4.88 -23.50 5.72
C TRP D 79 3.90 -22.90 4.72
N HIS D 80 2.77 -23.56 4.42
CA HIS D 80 1.83 -22.87 3.55
C HIS D 80 1.15 -21.74 4.32
N LEU D 81 0.84 -21.97 5.59
CA LEU D 81 0.13 -20.98 6.39
C LEU D 81 0.90 -20.76 7.69
N GLY D 82 2.21 -20.51 7.61
CA GLY D 82 2.94 -20.30 8.85
C GLY D 82 2.59 -19.00 9.54
N GLN D 83 2.40 -17.94 8.77
CA GLN D 83 2.14 -16.62 9.29
C GLN D 83 0.65 -16.27 9.27
N GLY D 84 0.35 -15.07 9.77
CA GLY D 84 -1.01 -14.60 9.94
C GLY D 84 -0.95 -13.09 10.01
N VAL D 85 -2.08 -12.45 9.71
CA VAL D 85 -2.16 -10.99 9.80
C VAL D 85 -3.42 -10.57 10.55
N SER D 86 -3.32 -9.48 11.30
CA SER D 86 -4.51 -8.85 11.88
C SER D 86 -4.41 -7.34 11.72
N ILE D 87 -5.57 -6.69 11.66
CA ILE D 87 -5.63 -5.24 11.48
C ILE D 87 -6.52 -4.68 12.58
N GLU D 88 -6.06 -3.62 13.25
CA GLU D 88 -6.85 -3.03 14.31
C GLU D 88 -6.81 -1.50 14.21
N TRP D 89 -7.91 -0.86 14.61
CA TRP D 89 -7.99 0.59 14.70
C TRP D 89 -8.34 0.98 16.13
N ARG D 90 -7.49 1.74 16.80
CA ARG D 90 -7.72 2.03 18.20
C ARG D 90 -7.78 3.54 18.40
N LYS D 91 -8.69 3.98 19.27
CA LYS D 91 -8.73 5.38 19.70
C LYS D 91 -9.27 5.50 21.11
N LYS D 92 -8.45 5.97 22.05
CA LYS D 92 -8.84 6.06 23.46
C LYS D 92 -9.33 4.72 24.01
N ARG D 93 -8.46 3.71 23.90
CA ARG D 93 -8.72 2.34 24.34
C ARG D 93 -9.87 1.66 23.58
N TYR D 94 -10.49 2.36 22.64
CA TYR D 94 -11.54 1.76 21.82
C TYR D 94 -10.89 1.09 20.63
N SER D 95 -11.35 -0.12 20.28
CA SER D 95 -10.79 -0.79 19.11
C SER D 95 -11.85 -1.57 18.35
N THR D 96 -11.63 -1.72 17.03
CA THR D 96 -12.49 -2.53 16.18
C THR D 96 -11.63 -3.07 15.04
N GLN D 97 -11.82 -4.35 14.71
CA GLN D 97 -11.19 -4.91 13.52
C GLN D 97 -11.88 -4.44 12.25
N VAL D 98 -11.10 -4.23 11.20
CA VAL D 98 -11.58 -3.59 9.98
C VAL D 98 -11.24 -4.49 8.80
N ASP D 99 -12.15 -4.55 7.83
CA ASP D 99 -11.87 -5.32 6.63
C ASP D 99 -10.75 -4.64 5.84
N PRO D 100 -9.89 -5.42 5.18
CA PRO D 100 -8.81 -4.80 4.38
C PRO D 100 -9.31 -3.85 3.31
N ASP D 101 -10.44 -4.18 2.67
CA ASP D 101 -10.98 -3.30 1.63
C ASP D 101 -11.32 -1.92 2.16
N LEU D 102 -11.54 -1.81 3.47
CA LEU D 102 -11.78 -0.55 4.16
C LEU D 102 -10.51 0.03 4.77
N ALA D 103 -9.59 -0.84 5.17
CA ALA D 103 -8.31 -0.40 5.72
C ALA D 103 -7.53 0.37 4.67
N ASP D 104 -7.45 -0.18 3.46
CA ASP D 104 -6.76 0.54 2.38
C ASP D 104 -7.45 1.87 2.07
N GLN D 105 -8.78 1.91 2.10
CA GLN D 105 -9.47 3.16 1.86
C GLN D 105 -9.14 4.22 2.90
N LEU D 106 -9.08 3.82 4.19
CA LEU D 106 -8.75 4.76 5.26
C LEU D 106 -7.31 5.27 5.21
N ILE D 107 -6.36 4.42 4.83
CA ILE D 107 -4.96 4.85 4.72
C ILE D 107 -4.84 5.99 3.71
N HIS D 108 -5.48 5.86 2.56
CA HIS D 108 -5.37 6.77 1.44
C HIS D 108 -5.91 8.17 1.71
N LEU D 109 -6.64 8.42 2.80
CA LEU D 109 -7.12 9.78 3.06
C LEU D 109 -6.01 10.74 3.49
N HIS D 110 -5.06 10.30 4.32
CA HIS D 110 -4.05 11.20 4.88
C HIS D 110 -2.66 10.96 4.29
N TYR D 111 -2.59 10.69 2.99
CA TYR D 111 -1.39 10.14 2.38
C TYR D 111 -1.24 10.57 0.92
N PHE D 112 -0.80 9.67 0.04
CA PHE D 112 -0.35 9.96 -1.32
C PHE D 112 -1.20 10.93 -2.15
N ASP D 113 -0.82 11.13 -3.41
CA ASP D 113 -1.45 12.11 -4.27
C ASP D 113 -2.64 11.60 -5.07
N CYS D 114 -3.66 12.45 -5.12
CA CYS D 114 -4.91 12.27 -5.87
C CYS D 114 -5.20 13.59 -6.59
N PHE D 115 -6.16 13.53 -7.49
CA PHE D 115 -6.61 14.72 -8.22
C PHE D 115 -7.06 15.81 -7.27
N SER D 116 -6.68 17.05 -7.60
CA SER D 116 -7.04 18.22 -6.82
C SER D 116 -8.42 18.74 -7.24
N GLU D 117 -8.83 19.84 -6.61
CA GLU D 117 -10.17 20.39 -6.85
C GLU D 117 -10.34 20.85 -8.29
N SER D 118 -9.29 21.39 -8.89
CA SER D 118 -9.37 21.96 -10.23
C SER D 118 -8.98 20.98 -11.32
N ALA D 119 -8.66 19.73 -10.99
CA ALA D 119 -8.25 18.78 -12.02
C ALA D 119 -9.36 18.56 -13.03
N ILE D 120 -10.59 18.37 -12.55
CA ILE D 120 -11.73 18.14 -13.44
C ILE D 120 -11.95 19.35 -14.33
N ARG D 121 -11.98 20.55 -13.73
CA ARG D 121 -12.23 21.76 -14.51
C ARG D 121 -11.15 21.97 -15.57
N ASN D 122 -9.89 21.78 -15.19
CA ASN D 122 -8.79 22.00 -16.12
C ASN D 122 -8.71 20.94 -17.20
N THR D 123 -9.24 19.74 -16.96
CA THR D 123 -9.29 18.74 -18.01
C THR D 123 -10.14 19.20 -19.18
N ILE D 124 -11.18 20.00 -18.91
CA ILE D 124 -12.10 20.44 -19.95
C ILE D 124 -11.37 21.26 -21.01
N LEU D 125 -10.55 22.23 -20.57
CA LEU D 125 -9.87 23.12 -21.50
C LEU D 125 -8.40 22.75 -21.69
N GLY D 126 -7.99 21.57 -21.22
CA GLY D 126 -6.65 21.07 -21.50
C GLY D 126 -5.52 21.82 -20.82
N ARG D 127 -5.77 22.42 -19.66
CA ARG D 127 -4.73 23.18 -18.96
C ARG D 127 -3.94 22.29 -18.01
N ILE D 128 -3.56 21.11 -18.51
CA ILE D 128 -2.77 20.08 -17.84
C ILE D 128 -3.32 19.67 -16.47
N VAL D 129 -3.25 18.38 -16.16
CA VAL D 129 -3.80 17.84 -14.91
C VAL D 129 -2.64 17.51 -14.00
N SER D 130 -2.65 18.08 -12.80
CA SER D 130 -1.60 17.80 -11.81
C SER D 130 -2.05 18.19 -10.41
N PRO D 131 -1.84 17.36 -9.38
CA PRO D 131 -1.19 16.04 -9.31
C PRO D 131 -2.06 14.93 -9.88
N ARG D 132 -1.53 13.78 -10.31
CA ARG D 132 -2.37 12.70 -10.78
C ARG D 132 -2.19 11.48 -9.87
N CYS D 133 -3.27 10.70 -9.77
CA CYS D 133 -3.32 9.54 -8.87
C CYS D 133 -2.24 8.52 -9.19
N GLU D 134 -1.61 7.99 -8.13
CA GLU D 134 -0.62 6.92 -8.30
C GLU D 134 -1.00 5.68 -7.52
N TYR D 135 -2.10 5.70 -6.77
CA TYR D 135 -2.55 4.59 -5.94
C TYR D 135 -3.96 4.18 -6.33
N GLN D 136 -4.06 3.21 -7.23
CA GLN D 136 -5.34 2.71 -7.72
C GLN D 136 -5.98 1.69 -6.78
N ALA D 137 -5.24 1.13 -5.83
CA ALA D 137 -5.82 0.21 -4.85
C ALA D 137 -6.69 0.92 -3.81
N GLY D 138 -6.60 2.24 -3.71
CA GLY D 138 -7.40 3.04 -2.81
C GLY D 138 -8.74 3.46 -3.34
N HIS D 139 -9.10 3.01 -4.55
CA HIS D 139 -10.36 3.32 -5.18
C HIS D 139 -11.08 2.04 -5.62
N ASN D 140 -11.19 1.09 -4.70
CA ASN D 140 -11.72 -0.24 -4.99
C ASN D 140 -13.24 -0.26 -4.97
N LYS D 141 -13.85 0.84 -4.54
CA LYS D 141 -15.29 1.00 -4.44
C LYS D 141 -15.75 1.47 -5.82
N VAL D 142 -16.98 1.96 -5.95
CA VAL D 142 -17.41 2.49 -7.25
C VAL D 142 -17.12 3.97 -7.37
N GLY D 143 -17.46 4.79 -6.36
CA GLY D 143 -17.23 6.21 -6.47
C GLY D 143 -17.99 6.90 -7.58
N SER D 144 -17.88 8.22 -7.64
CA SER D 144 -18.60 8.99 -8.65
C SER D 144 -18.10 8.68 -10.05
N LEU D 145 -18.98 8.91 -11.03
CA LEU D 145 -18.67 8.74 -12.44
C LEU D 145 -17.50 9.62 -12.87
N GLN D 146 -17.33 10.77 -12.22
CA GLN D 146 -16.23 11.68 -12.54
C GLN D 146 -14.88 11.00 -12.39
N TYR D 147 -14.66 10.31 -11.25
CA TYR D 147 -13.36 9.67 -11.05
C TYR D 147 -13.11 8.61 -12.11
N LEU D 148 -14.13 7.81 -12.42
CA LEU D 148 -13.96 6.73 -13.39
C LEU D 148 -13.63 7.28 -14.77
N ALA D 149 -14.34 8.33 -15.20
CA ALA D 149 -14.05 8.96 -16.48
C ALA D 149 -12.63 9.52 -16.52
N LEU D 150 -12.27 10.28 -15.48
CA LEU D 150 -10.95 10.91 -15.40
C LEU D 150 -9.82 9.89 -15.45
N ALA D 151 -9.93 8.82 -14.65
CA ALA D 151 -8.92 7.76 -14.65
C ALA D 151 -8.75 7.14 -16.03
N ALA D 152 -9.79 7.18 -16.88
CA ALA D 152 -9.66 6.66 -18.23
C ALA D 152 -8.74 7.53 -19.08
N LEU D 153 -8.91 8.87 -19.03
CA LEU D 153 -8.17 9.73 -19.94
C LEU D 153 -6.72 9.88 -19.56
N ILE D 154 -6.40 9.81 -18.28
CA ILE D 154 -5.01 9.81 -17.82
C ILE D 154 -4.82 8.53 -17.02
N LYS D 155 -4.37 7.48 -17.71
CA LYS D 155 -4.04 6.22 -17.08
C LYS D 155 -2.91 6.50 -16.10
N PRO D 156 -3.08 6.21 -14.81
CA PRO D 156 -2.04 6.53 -13.84
C PRO D 156 -0.76 5.76 -14.13
N LYS D 157 0.35 6.31 -13.66
CA LYS D 157 1.63 5.66 -13.82
C LYS D 157 1.73 4.46 -12.87
N GLN D 158 2.86 3.77 -12.95
CA GLN D 158 3.16 2.67 -12.03
C GLN D 158 4.43 3.03 -11.28
N ILE D 159 4.35 3.02 -9.95
CA ILE D 159 5.51 3.19 -9.09
C ILE D 159 6.49 2.11 -9.53
N LYS D 160 7.80 2.39 -9.46
CA LYS D 160 8.75 1.35 -9.83
C LYS D 160 8.53 0.05 -9.04
N PRO D 161 8.83 -0.10 -7.75
CA PRO D 161 8.23 -1.22 -7.02
C PRO D 161 6.77 -0.93 -6.70
N PRO D 162 5.95 -1.95 -6.50
CA PRO D 162 4.51 -1.71 -6.33
C PRO D 162 4.26 -0.88 -5.08
N LEU D 163 3.26 -0.01 -5.12
CA LEU D 163 2.91 0.71 -3.91
C LEU D 163 2.42 -0.30 -2.87
N PRO D 164 2.65 -0.07 -1.58
CA PRO D 164 2.27 -1.09 -0.60
C PRO D 164 0.75 -1.15 -0.48
N SER D 165 0.21 -2.37 -0.48
CA SER D 165 -1.23 -2.59 -0.46
C SER D 165 -1.61 -3.55 0.65
N VAL D 166 -2.61 -3.17 1.45
CA VAL D 166 -3.11 -4.09 2.46
C VAL D 166 -3.88 -5.23 1.81
N ARG D 167 -4.38 -5.04 0.59
CA ARG D 167 -5.17 -6.06 -0.09
C ARG D 167 -4.30 -7.16 -0.69
N LYS D 168 -3.17 -6.81 -1.31
CA LYS D 168 -2.28 -7.83 -1.84
C LYS D 168 -1.78 -8.74 -0.73
N LEU D 169 -1.65 -8.20 0.48
CA LEU D 169 -1.21 -8.98 1.63
C LEU D 169 -2.20 -10.08 1.97
N THR D 170 -3.50 -9.78 1.93
CA THR D 170 -4.52 -10.69 2.43
C THR D 170 -5.34 -11.17 1.24
N GLU D 171 -4.83 -12.22 0.59
CA GLU D 171 -5.51 -12.81 -0.55
C GLU D 171 -5.07 -14.27 -0.59
N ASP D 172 -6.04 -15.17 -0.79
CA ASP D 172 -5.74 -16.59 -0.66
C ASP D 172 -5.00 -17.13 -1.89
N ARG D 173 -5.70 -17.13 -3.03
CA ARG D 173 -5.21 -17.55 -4.34
C ARG D 173 -4.99 -19.06 -4.36
N TRP D 174 -4.53 -19.62 -3.24
CA TRP D 174 -4.31 -21.06 -3.17
C TRP D 174 -5.61 -21.83 -3.44
N ASN D 175 -6.69 -21.41 -2.78
CA ASN D 175 -7.98 -22.06 -2.91
C ASN D 175 -8.86 -21.42 -3.98
N LYS D 176 -8.66 -20.13 -4.24
CA LYS D 176 -9.42 -19.40 -5.27
C LYS D 176 -10.92 -19.47 -4.99
N GLN E 50 21.45 47.87 -10.85
CA GLN E 50 20.02 47.80 -10.57
C GLN E 50 19.22 48.67 -11.53
N ALA E 51 19.23 48.29 -12.81
CA ALA E 51 18.43 49.01 -13.80
C ALA E 51 16.94 48.87 -13.47
N GLU E 52 16.19 49.93 -13.73
CA GLU E 52 14.76 49.92 -13.41
C GLU E 52 14.06 48.83 -14.20
N LEU E 53 13.25 48.03 -13.50
CA LEU E 53 12.54 46.90 -14.10
C LEU E 53 11.09 47.32 -14.30
N HIS E 54 10.81 47.86 -15.49
CA HIS E 54 9.43 48.19 -15.83
C HIS E 54 8.62 46.91 -15.93
N PRO E 55 7.46 46.83 -15.27
CA PRO E 55 6.68 45.59 -15.31
C PRO E 55 6.14 45.31 -16.70
N LEU E 56 6.73 44.34 -17.39
CA LEU E 56 6.30 44.01 -18.73
C LEU E 56 4.92 43.33 -18.67
N PRO E 57 4.13 43.43 -19.73
CA PRO E 57 2.80 42.82 -19.71
C PRO E 57 2.88 41.32 -19.49
N GLN E 58 1.95 40.81 -18.68
CA GLN E 58 1.95 39.40 -18.35
C GLN E 58 1.64 38.56 -19.58
N LEU E 59 2.17 37.34 -19.60
CA LEU E 59 1.98 36.46 -20.76
C LEU E 59 0.51 36.14 -21.00
N LYS E 60 -0.35 36.30 -20.00
CA LYS E 60 -1.79 36.15 -20.23
C LYS E 60 -2.31 37.25 -21.15
N ASP E 61 -1.85 38.49 -20.96
CA ASP E 61 -2.29 39.58 -21.83
C ASP E 61 -1.63 39.52 -23.19
N ALA E 62 -0.39 39.05 -23.26
CA ALA E 62 0.32 38.96 -24.53
C ALA E 62 -0.38 38.01 -25.48
N THR E 63 -0.38 38.36 -26.77
CA THR E 63 -1.04 37.57 -27.78
C THR E 63 -0.15 36.40 -28.19
N SER E 64 -0.52 35.70 -29.26
CA SER E 64 0.28 34.59 -29.75
C SER E 64 1.66 35.06 -30.21
N ASN E 65 1.72 36.19 -30.91
CA ASN E 65 2.98 36.76 -31.33
C ASN E 65 3.75 37.29 -30.12
N GLU E 66 5.07 37.45 -30.32
CA GLU E 66 6.02 38.01 -29.35
C GLU E 66 5.94 37.36 -27.98
N GLN E 67 5.26 36.22 -27.89
CA GLN E 67 5.13 35.52 -26.61
C GLN E 67 6.48 34.97 -26.15
N GLN E 68 7.21 34.32 -27.07
CA GLN E 68 8.54 33.83 -26.72
C GLN E 68 9.50 34.99 -26.49
N GLU E 69 9.38 36.07 -27.27
CA GLU E 69 10.23 37.23 -27.08
C GLU E 69 10.01 37.83 -25.70
N LEU E 70 8.74 37.96 -25.28
CA LEU E 70 8.45 38.38 -23.93
C LEU E 70 8.94 37.35 -22.91
N PHE E 71 8.75 36.06 -23.21
CA PHE E 71 9.25 35.01 -22.35
C PHE E 71 10.76 35.04 -22.24
N CYS E 72 11.45 35.13 -23.38
CA CYS E 72 12.91 35.15 -23.38
C CYS E 72 13.44 36.40 -22.68
N GLN E 73 12.80 37.56 -22.91
CA GLN E 73 13.24 38.78 -22.28
C GLN E 73 13.13 38.68 -20.75
N LYS E 74 12.05 38.04 -20.27
CA LYS E 74 11.88 37.86 -18.83
C LYS E 74 13.00 36.99 -18.26
N LEU E 75 13.39 35.94 -18.99
CA LEU E 75 14.48 35.08 -18.53
C LEU E 75 15.78 35.86 -18.40
N GLN E 76 16.10 36.68 -19.40
CA GLN E 76 17.25 37.58 -19.27
C GLN E 76 17.02 38.61 -18.17
N GLN E 77 15.76 38.99 -17.93
CA GLN E 77 15.46 39.94 -16.86
C GLN E 77 15.76 39.36 -15.48
N CYS E 78 15.48 38.07 -15.28
CA CYS E 78 15.71 37.43 -13.99
C CYS E 78 17.04 36.71 -13.91
N CYS E 79 17.88 36.80 -14.95
CA CYS E 79 19.22 36.23 -14.89
C CYS E 79 20.16 36.98 -13.95
N ILE E 80 19.74 38.15 -13.45
CA ILE E 80 20.57 38.97 -12.58
C ILE E 80 20.74 38.28 -11.23
N LEU E 81 21.66 38.78 -10.42
CA LEU E 81 22.08 38.12 -9.19
C LEU E 81 21.89 39.02 -7.98
N PHE E 82 20.69 39.58 -7.82
CA PHE E 82 20.40 40.50 -6.73
C PHE E 82 20.53 39.76 -5.42
N ASP E 83 21.63 40.00 -4.71
CA ASP E 83 21.97 39.25 -3.51
C ASP E 83 21.05 39.61 -2.35
N PHE E 84 20.81 38.62 -1.48
CA PHE E 84 19.93 38.77 -0.33
C PHE E 84 20.68 38.83 1.00
N MET E 85 22.01 38.90 0.96
CA MET E 85 22.77 38.99 2.20
C MET E 85 22.50 40.31 2.92
N ASP E 86 22.38 41.40 2.17
CA ASP E 86 22.08 42.69 2.77
C ASP E 86 20.73 42.65 3.47
N SER E 87 20.69 43.22 4.67
CA SER E 87 19.46 43.18 5.48
C SER E 87 18.34 43.95 4.80
N VAL E 88 18.60 45.18 4.38
CA VAL E 88 17.59 46.00 3.73
C VAL E 88 18.18 46.72 2.52
N SER E 89 17.96 46.16 1.34
CA SER E 89 18.36 46.79 0.09
C SER E 89 17.54 46.19 -1.04
N ASP E 90 17.43 46.94 -2.14
CA ASP E 90 16.62 46.54 -3.29
C ASP E 90 15.20 46.18 -2.87
N LEU E 91 14.60 47.05 -2.05
CA LEU E 91 13.31 46.75 -1.45
C LEU E 91 12.21 46.65 -2.51
N LYS E 92 12.45 47.20 -3.70
CA LYS E 92 11.47 47.08 -4.78
C LYS E 92 11.90 46.08 -5.85
N SER E 93 13.20 45.82 -5.97
CA SER E 93 13.68 44.95 -7.05
C SER E 93 13.40 43.48 -6.75
N LYS E 94 13.36 43.12 -5.46
CA LYS E 94 13.20 41.71 -5.10
C LYS E 94 11.83 41.18 -5.48
N GLU E 95 10.77 41.91 -5.13
CA GLU E 95 9.41 41.39 -5.28
C GLU E 95 9.03 41.25 -6.74
N ILE E 96 9.42 42.20 -7.59
CA ILE E 96 9.11 42.07 -9.01
C ILE E 96 9.84 40.86 -9.59
N LYS E 97 11.09 40.64 -9.18
CA LYS E 97 11.77 39.40 -9.53
C LYS E 97 11.03 38.19 -8.95
N ARG E 98 10.57 38.29 -7.71
CA ARG E 98 9.80 37.22 -7.10
C ARG E 98 8.47 37.03 -7.84
N ALA E 99 7.81 38.13 -8.20
CA ALA E 99 6.54 38.03 -8.92
C ALA E 99 6.72 37.41 -10.29
N THR E 100 7.79 37.77 -11.00
CA THR E 100 8.03 37.19 -12.33
C THR E 100 8.27 35.69 -12.24
N LEU E 101 9.10 35.27 -11.27
CA LEU E 101 9.34 33.85 -11.07
C LEU E 101 8.06 33.12 -10.66
N ASN E 102 7.28 33.74 -9.78
CA ASN E 102 6.00 33.16 -9.40
C ASN E 102 5.08 33.02 -10.60
N GLU E 103 5.06 34.05 -11.46
CA GLU E 103 4.28 33.95 -12.69
C GLU E 103 4.93 33.00 -13.69
N LEU E 104 6.27 32.90 -13.67
CA LEU E 104 6.98 32.00 -14.57
C LEU E 104 6.59 30.54 -14.29
N VAL E 105 6.55 30.17 -13.01
CA VAL E 105 6.16 28.81 -12.64
C VAL E 105 4.74 28.53 -13.11
N GLU E 106 3.86 29.52 -13.01
CA GLU E 106 2.50 29.39 -13.55
C GLU E 106 2.55 29.19 -15.06
N TYR E 107 3.42 29.93 -15.76
CA TYR E 107 3.47 29.88 -17.21
C TYR E 107 3.84 28.49 -17.72
N VAL E 108 4.81 27.83 -17.08
CA VAL E 108 5.24 26.52 -17.54
C VAL E 108 4.17 25.48 -17.28
N SER E 109 3.56 25.51 -16.10
CA SER E 109 2.51 24.55 -15.77
C SER E 109 1.30 24.72 -16.70
N THR E 110 0.91 25.96 -16.97
CA THR E 110 -0.20 26.22 -17.87
C THR E 110 0.21 26.01 -19.32
N ASN E 111 -0.79 25.71 -20.16
CA ASN E 111 -0.61 25.53 -21.60
C ASN E 111 0.36 24.39 -21.93
N ARG E 112 0.50 24.08 -23.22
CA ARG E 112 1.36 22.99 -23.67
C ARG E 112 2.48 23.46 -24.58
N GLY E 113 2.16 24.23 -25.62
CA GLY E 113 3.17 24.67 -26.58
C GLY E 113 3.94 25.89 -26.15
N VAL E 114 4.04 26.12 -24.85
CA VAL E 114 4.77 27.28 -24.34
C VAL E 114 6.27 27.12 -24.59
N ILE E 115 6.79 25.91 -24.46
CA ILE E 115 8.21 25.66 -24.59
C ILE E 115 8.54 25.39 -26.06
N VAL E 116 9.53 26.11 -26.59
CA VAL E 116 9.97 25.94 -27.96
C VAL E 116 11.48 25.70 -27.97
N GLU E 117 11.97 25.23 -29.11
CA GLU E 117 13.37 24.84 -29.22
C GLU E 117 14.29 26.04 -29.02
N SER E 118 13.94 27.19 -29.60
CA SER E 118 14.80 28.37 -29.49
C SER E 118 14.95 28.85 -28.06
N ALA E 119 14.01 28.52 -27.18
CA ALA E 119 14.09 28.94 -25.78
C ALA E 119 15.01 28.05 -24.96
N TYR E 120 15.41 26.89 -25.49
CA TYR E 120 16.16 25.92 -24.69
C TYR E 120 17.43 26.53 -24.11
N SER E 121 18.15 27.32 -24.91
CA SER E 121 19.40 27.91 -24.43
C SER E 121 19.15 28.86 -23.27
N ASP E 122 18.09 29.67 -23.34
CA ASP E 122 17.85 30.67 -22.31
C ASP E 122 17.49 30.02 -20.97
N ILE E 123 16.69 28.94 -20.99
CA ILE E 123 16.32 28.30 -19.74
C ILE E 123 17.54 27.74 -19.03
N VAL E 124 18.42 27.05 -19.78
CA VAL E 124 19.62 26.49 -19.18
C VAL E 124 20.50 27.59 -18.60
N LYS E 125 20.67 28.68 -19.35
CA LYS E 125 21.39 29.83 -18.80
C LYS E 125 20.69 30.40 -17.58
N MET E 126 19.36 30.47 -17.63
CA MET E 126 18.59 30.97 -16.49
C MET E 126 18.80 30.09 -15.26
N ILE E 127 18.66 28.77 -15.42
CA ILE E 127 18.79 27.88 -14.28
C ILE E 127 20.24 27.83 -13.79
N SER E 128 21.19 27.70 -14.71
CA SER E 128 22.59 27.56 -14.32
C SER E 128 23.15 28.83 -13.67
N ALA E 129 22.51 29.98 -13.88
CA ALA E 129 23.02 31.21 -13.29
C ALA E 129 22.77 31.25 -11.78
N ASN E 130 21.76 30.53 -11.29
CA ASN E 130 21.41 30.55 -9.88
C ASN E 130 21.83 29.28 -9.14
N ILE E 131 21.46 28.10 -9.65
CA ILE E 131 21.75 26.88 -8.93
C ILE E 131 23.25 26.59 -8.88
N PHE E 132 23.98 26.96 -9.94
CA PHE E 132 25.42 26.74 -9.97
C PHE E 132 26.14 27.86 -9.23
N ARG E 133 25.76 28.10 -7.98
CA ARG E 133 26.31 29.19 -7.18
C ARG E 133 27.56 28.74 -6.44
N THR E 134 28.25 29.70 -5.84
CA THR E 134 29.37 29.42 -4.96
C THR E 134 28.82 29.11 -3.57
N LEU E 135 28.94 27.85 -3.15
CA LEU E 135 28.35 27.43 -1.90
C LEU E 135 29.01 28.16 -0.72
N PRO E 136 28.24 28.66 0.24
CA PRO E 136 28.84 29.37 1.37
C PRO E 136 29.69 28.43 2.20
N PRO E 137 30.77 28.92 2.80
CA PRO E 137 31.58 28.07 3.67
C PRO E 137 30.82 27.68 4.93
N SER E 138 31.20 26.55 5.50
CA SER E 138 30.54 26.06 6.70
C SER E 138 30.75 27.03 7.85
N ASP E 139 29.68 27.25 8.62
CA ASP E 139 29.76 28.14 9.77
C ASP E 139 30.74 27.61 10.82
N ASN E 140 30.70 26.29 11.07
CA ASN E 140 31.58 25.65 12.02
C ASN E 140 32.21 24.43 11.36
N PRO E 141 33.53 24.36 11.25
CA PRO E 141 34.15 23.14 10.71
C PRO E 141 33.85 21.90 11.53
N ASP E 142 33.66 22.05 12.84
CA ASP E 142 33.31 20.94 13.72
C ASP E 142 31.81 20.86 13.97
N PHE E 143 31.01 21.26 12.99
CA PHE E 143 29.56 21.23 13.15
C PHE E 143 29.07 19.79 13.23
N ASP E 144 28.12 19.55 14.13
CA ASP E 144 27.59 18.21 14.33
C ASP E 144 26.23 18.10 13.65
N PRO E 145 26.10 17.28 12.60
CA PRO E 145 24.79 17.13 11.95
C PRO E 145 23.71 16.59 12.89
N GLU E 146 24.07 15.72 13.82
CA GLU E 146 23.09 15.14 14.72
C GLU E 146 22.69 16.11 15.83
N GLU E 147 23.62 16.94 16.32
CA GLU E 147 23.40 17.76 17.49
C GLU E 147 23.08 19.21 17.15
N ASP E 148 23.95 19.87 16.38
CA ASP E 148 23.77 21.28 16.08
C ASP E 148 22.60 21.48 15.11
N GLU E 149 21.94 22.63 15.24
CA GLU E 149 20.83 22.95 14.36
C GLU E 149 21.33 23.16 12.94
N PRO E 150 20.50 22.83 11.94
CA PRO E 150 20.93 23.01 10.55
C PRO E 150 21.10 24.48 10.20
N THR E 151 22.05 24.72 9.29
CA THR E 151 22.31 26.07 8.79
C THR E 151 21.34 26.39 7.66
N LEU E 152 20.82 27.61 7.67
CA LEU E 152 19.84 28.03 6.67
C LEU E 152 20.54 28.65 5.46
N GLU E 153 19.74 29.01 4.46
CA GLU E 153 20.23 29.62 3.24
C GLU E 153 19.68 31.04 3.12
N ALA E 154 20.51 31.95 2.59
CA ALA E 154 20.12 33.35 2.46
C ALA E 154 19.12 33.56 1.32
N SER E 155 19.47 33.13 0.12
CA SER E 155 18.66 33.34 -1.08
C SER E 155 17.52 32.32 -1.20
N TRP E 156 17.19 31.62 -0.13
CA TRP E 156 16.16 30.59 -0.19
C TRP E 156 14.80 31.08 -0.70
N PRO E 157 14.28 32.25 -0.30
CA PRO E 157 12.97 32.67 -0.80
C PRO E 157 12.89 32.75 -2.32
N HIS E 158 13.97 33.14 -2.98
CA HIS E 158 14.00 33.12 -4.45
C HIS E 158 14.50 31.80 -5.00
N ILE E 159 15.33 31.07 -4.25
CA ILE E 159 15.79 29.77 -4.68
C ILE E 159 14.64 28.77 -4.73
N GLN E 160 13.66 28.91 -3.82
CA GLN E 160 12.51 28.01 -3.82
C GLN E 160 11.76 28.03 -5.14
N LEU E 161 11.87 29.13 -5.89
CA LEU E 161 11.14 29.24 -7.15
C LEU E 161 11.92 28.66 -8.33
N VAL E 162 13.24 28.85 -8.38
CA VAL E 162 14.01 28.36 -9.51
C VAL E 162 14.07 26.83 -9.51
N TYR E 163 14.26 26.22 -8.33
CA TYR E 163 14.21 24.77 -8.25
C TYR E 163 12.84 24.25 -8.64
N GLU E 164 11.78 24.93 -8.20
CA GLU E 164 10.44 24.59 -8.69
C GLU E 164 10.35 24.79 -10.19
N PHE E 165 10.93 25.88 -10.70
CA PHE E 165 10.99 26.08 -12.14
C PHE E 165 11.71 24.94 -12.84
N PHE E 166 12.84 24.50 -12.27
CA PHE E 166 13.56 23.38 -12.85
C PHE E 166 12.72 22.10 -12.81
N LEU E 167 12.06 21.84 -11.69
CA LEU E 167 11.32 20.59 -11.54
C LEU E 167 10.17 20.49 -12.53
N ARG E 168 9.35 21.55 -12.63
CA ARG E 168 8.24 21.53 -13.57
C ARG E 168 8.69 21.61 -15.02
N PHE E 169 9.97 21.92 -15.27
CA PHE E 169 10.51 21.94 -16.62
C PHE E 169 10.99 20.56 -17.07
N LEU E 170 11.69 19.83 -16.20
CA LEU E 170 12.12 18.48 -16.54
C LEU E 170 10.93 17.54 -16.70
N GLU E 171 9.83 17.83 -16.02
CA GLU E 171 8.61 17.04 -16.12
C GLU E 171 7.63 17.61 -17.14
N SER E 172 8.09 18.44 -18.07
CA SER E 172 7.22 19.05 -19.04
C SER E 172 6.65 17.99 -19.98
N PRO E 173 5.46 18.25 -20.56
CA PRO E 173 4.83 17.22 -21.41
C PRO E 173 5.66 16.79 -22.60
N ASP E 174 6.37 17.71 -23.25
CA ASP E 174 7.12 17.35 -24.47
C ASP E 174 8.57 17.02 -24.15
N PHE E 175 9.34 18.01 -23.71
CA PHE E 175 10.73 17.88 -23.27
C PHE E 175 11.49 16.86 -24.13
N GLN E 176 11.65 17.20 -25.41
CA GLN E 176 12.43 16.33 -26.29
C GLN E 176 13.86 16.22 -25.78
N PRO E 177 14.28 15.05 -25.26
CA PRO E 177 15.63 14.95 -24.70
C PRO E 177 16.73 15.14 -25.72
N SER E 178 16.50 14.74 -26.98
CA SER E 178 17.53 14.86 -28.00
C SER E 178 17.91 16.32 -28.22
N ILE E 179 16.92 17.22 -28.23
CA ILE E 179 17.21 18.65 -28.30
C ILE E 179 18.00 19.08 -27.07
N ALA E 180 17.60 18.61 -25.88
CA ALA E 180 18.32 18.89 -24.66
C ALA E 180 19.62 18.10 -24.53
N LYS E 181 19.82 17.08 -25.36
CA LYS E 181 21.05 16.29 -25.28
C LYS E 181 22.28 17.15 -25.56
N ARG E 182 22.20 18.01 -26.57
CA ARG E 182 23.32 18.88 -26.90
C ARG E 182 23.57 19.91 -25.81
N TYR E 183 22.50 20.37 -25.14
CA TYR E 183 22.60 21.46 -24.19
C TYR E 183 22.87 20.96 -22.77
N ILE E 184 22.15 19.92 -22.34
CA ILE E 184 22.43 19.27 -21.06
C ILE E 184 23.48 18.20 -21.35
N ASP E 185 24.75 18.60 -21.28
CA ASP E 185 25.86 17.73 -21.60
C ASP E 185 26.48 17.20 -20.30
N GLN E 186 27.59 16.48 -20.43
CA GLN E 186 28.26 15.91 -19.27
C GLN E 186 28.77 16.99 -18.31
N LYS E 187 28.96 18.22 -18.78
CA LYS E 187 29.44 19.29 -17.91
C LYS E 187 28.34 19.79 -16.97
N PHE E 188 27.09 19.76 -17.40
CA PHE E 188 25.99 20.21 -16.54
C PHE E 188 25.86 19.30 -15.32
N VAL E 189 25.95 17.99 -15.53
CA VAL E 189 25.80 17.04 -14.43
C VAL E 189 26.96 17.13 -13.46
N GLN E 190 28.17 17.35 -13.99
CA GLN E 190 29.37 17.31 -13.14
C GLN E 190 29.32 18.36 -12.03
N GLN E 191 28.91 19.57 -12.36
CA GLN E 191 28.76 20.60 -11.34
C GLN E 191 27.53 20.38 -10.49
N LEU E 192 26.54 19.65 -10.98
CA LEU E 192 25.32 19.39 -10.21
C LEU E 192 25.61 18.54 -8.98
N LEU E 193 26.50 17.56 -9.12
CA LEU E 193 26.78 16.65 -8.00
C LEU E 193 27.39 17.40 -6.83
N GLU E 194 28.26 18.36 -7.10
CA GLU E 194 28.90 19.11 -6.02
C GLU E 194 27.90 19.90 -5.19
N LEU E 195 26.71 20.19 -5.74
CA LEU E 195 25.68 20.89 -5.00
C LEU E 195 25.12 20.05 -3.86
N PHE E 196 25.28 18.73 -3.91
CA PHE E 196 24.82 17.87 -2.82
C PHE E 196 25.57 18.14 -1.52
N ASP E 197 26.75 18.76 -1.59
CA ASP E 197 27.53 19.11 -0.42
C ASP E 197 26.90 20.21 0.41
N SER E 198 25.70 20.67 0.06
CA SER E 198 25.06 21.75 0.78
C SER E 198 24.73 21.34 2.21
N GLU E 199 24.32 22.33 3.01
CA GLU E 199 24.05 22.12 4.42
C GLU E 199 22.58 22.26 4.76
N ASP E 200 21.79 22.91 3.91
CA ASP E 200 20.36 23.06 4.16
C ASP E 200 19.63 21.78 3.82
N PRO E 201 18.94 21.14 4.77
CA PRO E 201 18.23 19.90 4.45
C PRO E 201 17.15 20.06 3.41
N ARG E 202 16.48 21.21 3.36
CA ARG E 202 15.39 21.40 2.41
C ARG E 202 15.88 21.37 0.97
N GLU E 203 17.10 21.84 0.72
CA GLU E 203 17.63 21.86 -0.63
C GLU E 203 17.97 20.45 -1.13
N ARG E 204 18.44 19.58 -0.24
CA ARG E 204 18.84 18.24 -0.66
C ARG E 204 17.67 17.44 -1.23
N ASP E 205 16.49 17.56 -0.60
CA ASP E 205 15.33 16.83 -1.11
C ASP E 205 14.94 17.30 -2.50
N PHE E 206 14.93 18.61 -2.72
CA PHE E 206 14.65 19.12 -4.06
C PHE E 206 15.75 18.74 -5.04
N LEU E 207 17.00 18.75 -4.59
CA LEU E 207 18.12 18.40 -5.46
C LEU E 207 18.04 16.94 -5.90
N LYS E 208 17.66 16.05 -4.99
CA LYS E 208 17.63 14.63 -5.32
C LYS E 208 16.64 14.33 -6.44
N THR E 209 15.45 14.94 -6.39
CA THR E 209 14.45 14.71 -7.42
C THR E 209 14.95 15.17 -8.79
N VAL E 210 15.84 16.16 -8.82
CA VAL E 210 16.42 16.60 -10.09
C VAL E 210 17.31 15.51 -10.67
N LEU E 211 18.15 14.89 -9.84
CA LEU E 211 19.06 13.87 -10.35
C LEU E 211 18.30 12.65 -10.87
N HIS E 212 17.26 12.22 -10.16
CA HIS E 212 16.49 11.08 -10.62
C HIS E 212 15.79 11.37 -11.94
N ARG E 213 15.28 12.59 -12.10
CA ARG E 213 14.62 12.95 -13.35
C ARG E 213 15.60 12.95 -14.52
N ILE E 214 16.83 13.42 -14.29
CA ILE E 214 17.84 13.40 -15.34
C ILE E 214 18.20 11.96 -15.71
N TYR E 215 18.40 11.10 -14.71
CA TYR E 215 18.83 9.74 -14.99
C TYR E 215 17.71 8.94 -15.67
N GLY E 216 16.46 9.15 -15.27
CA GLY E 216 15.37 8.39 -15.83
C GLY E 216 14.97 8.78 -17.24
N LYS E 217 15.31 10.01 -17.66
CA LYS E 217 14.95 10.50 -18.98
C LYS E 217 16.12 10.52 -19.95
N PHE E 218 17.31 10.90 -19.49
CA PHE E 218 18.48 11.02 -20.36
C PHE E 218 19.18 9.67 -20.44
N LEU E 219 19.06 9.01 -21.59
CA LEU E 219 19.64 7.68 -21.78
C LEU E 219 21.12 7.73 -22.13
N GLY E 220 21.72 8.92 -22.27
CA GLY E 220 23.11 9.03 -22.68
C GLY E 220 24.09 9.09 -21.53
N LEU E 221 23.74 9.78 -20.45
CA LEU E 221 24.63 9.99 -19.32
C LEU E 221 24.43 8.98 -18.20
N ARG E 222 23.71 7.88 -18.46
CA ARG E 222 23.55 6.85 -17.45
C ARG E 222 24.91 6.28 -17.05
N ALA E 223 25.79 6.03 -18.02
CA ALA E 223 27.12 5.53 -17.71
C ALA E 223 27.92 6.54 -16.90
N PHE E 224 27.84 7.82 -17.26
CA PHE E 224 28.58 8.85 -16.54
C PHE E 224 28.08 8.98 -15.11
N ILE E 225 26.76 9.10 -14.93
CA ILE E 225 26.22 9.30 -13.59
C ILE E 225 26.46 8.08 -12.71
N ARG E 226 26.40 6.88 -13.31
CA ARG E 226 26.75 5.67 -12.56
C ARG E 226 28.21 5.68 -12.17
N LYS E 227 29.10 5.99 -13.13
CA LYS E 227 30.52 6.08 -12.82
C LYS E 227 30.80 7.22 -11.84
N GLN E 228 30.13 8.36 -12.03
CA GLN E 228 30.29 9.47 -11.09
C GLN E 228 29.83 9.05 -9.70
N ILE E 229 28.71 8.34 -9.61
CA ILE E 229 28.19 7.87 -8.33
C ILE E 229 29.21 6.96 -7.65
N ASN E 230 29.79 6.04 -8.41
CA ASN E 230 30.84 5.18 -7.86
C ASN E 230 32.06 5.99 -7.46
N ASN E 231 32.45 6.97 -8.28
CA ASN E 231 33.63 7.77 -7.98
C ASN E 231 33.44 8.61 -6.73
N ILE E 232 32.27 9.25 -6.60
CA ILE E 232 32.06 10.15 -5.47
C ILE E 232 31.98 9.36 -4.16
N PHE E 233 31.40 8.16 -4.20
CA PHE E 233 31.37 7.29 -3.02
C PHE E 233 32.76 6.82 -2.64
N LEU E 234 33.57 6.44 -3.62
CA LEU E 234 34.90 5.92 -3.33
C LEU E 234 35.74 6.94 -2.56
N ARG E 235 35.51 8.22 -2.77
CA ARG E 235 36.16 9.24 -1.95
C ARG E 235 35.69 9.16 -0.50
N PHE E 236 34.38 8.98 -0.28
CA PHE E 236 33.82 9.05 1.06
C PHE E 236 34.28 7.90 1.96
N ILE E 237 34.78 6.81 1.39
CA ILE E 237 35.19 5.69 2.23
C ILE E 237 36.52 5.97 2.91
N TYR E 238 37.51 6.49 2.16
CA TYR E 238 38.83 6.79 2.70
C TYR E 238 39.29 8.16 2.18
N GLU E 239 38.93 9.22 2.89
CA GLU E 239 39.35 10.59 2.59
C GLU E 239 38.97 11.45 3.79
N THR E 240 39.02 12.78 3.60
CA THR E 240 38.62 13.69 4.66
C THR E 240 37.16 13.49 5.05
N GLU E 241 36.29 13.21 4.07
CA GLU E 241 34.90 12.83 4.30
C GLU E 241 34.12 13.95 5.01
N HIS E 242 34.05 15.10 4.35
CA HIS E 242 33.20 16.20 4.79
C HIS E 242 31.83 16.18 4.12
N PHE E 243 31.55 15.15 3.32
CA PHE E 243 30.28 15.03 2.63
C PHE E 243 29.15 14.84 3.63
N ASN E 244 28.02 15.52 3.41
CA ASN E 244 26.90 15.47 4.32
C ASN E 244 25.58 15.06 3.65
N GLY E 245 25.53 15.05 2.32
CA GLY E 245 24.34 14.64 1.60
C GLY E 245 24.33 13.19 1.17
N VAL E 246 25.19 12.35 1.75
CA VAL E 246 25.25 10.95 1.34
C VAL E 246 23.97 10.21 1.70
N ALA E 247 23.29 10.64 2.77
CA ALA E 247 21.99 10.04 3.10
C ALA E 247 20.99 10.24 1.97
N GLU E 248 20.95 11.43 1.39
CA GLU E 248 20.13 11.64 0.21
C GLU E 248 20.73 10.97 -1.02
N LEU E 249 22.06 10.91 -1.10
CA LEU E 249 22.72 10.27 -2.23
C LEU E 249 22.40 8.78 -2.28
N LEU E 250 22.41 8.11 -1.12
CA LEU E 250 22.15 6.67 -1.07
C LEU E 250 20.74 6.32 -1.52
N GLU E 251 19.80 7.26 -1.43
CA GLU E 251 18.44 7.00 -1.90
C GLU E 251 18.43 6.74 -3.40
N ILE E 252 19.24 7.47 -4.16
CA ILE E 252 19.32 7.24 -5.59
C ILE E 252 19.89 5.86 -5.89
N LEU E 253 20.91 5.46 -5.13
CA LEU E 253 21.51 4.13 -5.31
C LEU E 253 20.48 3.02 -5.12
N GLY E 254 19.48 3.26 -4.28
CA GLY E 254 18.45 2.25 -4.07
C GLY E 254 17.62 1.99 -5.31
N SER E 255 17.28 3.04 -6.04
CA SER E 255 16.44 2.93 -7.23
C SER E 255 17.22 2.62 -8.49
N ILE E 256 18.55 2.52 -8.40
CA ILE E 256 19.37 2.22 -9.58
C ILE E 256 19.72 0.74 -9.57
N ILE E 257 19.77 0.13 -8.39
CA ILE E 257 20.03 -1.31 -8.30
C ILE E 257 18.77 -2.11 -8.52
N ASN E 258 17.60 -1.51 -8.27
CA ASN E 258 16.33 -2.20 -8.54
C ASN E 258 16.14 -2.46 -10.02
N GLY E 259 16.88 -1.75 -10.89
CA GLY E 259 16.85 -1.95 -12.31
C GLY E 259 18.00 -2.77 -12.86
N PHE E 260 18.95 -3.17 -12.02
CA PHE E 260 20.06 -4.00 -12.46
C PHE E 260 19.57 -5.28 -13.11
N ALA E 261 19.82 -5.45 -14.40
CA ALA E 261 19.31 -6.59 -15.13
C ALA E 261 20.03 -7.88 -14.71
N LEU E 262 19.32 -8.99 -14.86
CA LEU E 262 19.91 -10.28 -14.55
C LEU E 262 20.31 -11.02 -15.83
N PRO E 263 21.43 -11.75 -15.81
CA PRO E 263 22.38 -11.92 -14.72
C PRO E 263 23.29 -10.70 -14.53
N LEU E 264 24.07 -10.68 -13.45
CA LEU E 264 24.92 -9.55 -13.14
C LEU E 264 26.09 -9.47 -14.13
N LYS E 265 26.73 -8.31 -14.14
CA LYS E 265 27.95 -8.07 -14.92
C LYS E 265 29.11 -7.80 -13.97
N ALA E 266 30.32 -7.92 -14.53
CA ALA E 266 31.52 -7.77 -13.71
C ALA E 266 31.62 -6.38 -13.08
N GLU E 267 31.15 -5.35 -13.78
CA GLU E 267 31.17 -4.00 -13.23
C GLU E 267 30.28 -3.91 -12.00
N HIS E 268 29.08 -4.52 -12.06
CA HIS E 268 28.18 -4.48 -10.91
C HIS E 268 28.69 -5.35 -9.77
N LYS E 269 29.41 -6.43 -10.08
CA LYS E 269 29.91 -7.31 -9.04
C LYS E 269 30.89 -6.57 -8.12
N GLN E 270 31.78 -5.77 -8.69
CA GLN E 270 32.78 -5.05 -7.90
C GLN E 270 32.18 -3.96 -7.03
N PHE E 271 30.91 -3.60 -7.24
CA PHE E 271 30.29 -2.57 -6.43
C PHE E 271 30.23 -2.97 -4.96
N LEU E 272 29.84 -4.22 -4.70
CA LEU E 272 29.65 -4.69 -3.32
C LEU E 272 30.93 -4.73 -2.51
N MET E 273 31.89 -5.57 -2.91
CA MET E 273 33.08 -5.79 -2.08
C MET E 273 34.01 -4.59 -2.02
N LYS E 274 33.86 -3.61 -2.91
CA LYS E 274 34.78 -2.48 -2.94
C LYS E 274 34.17 -1.16 -2.47
N VAL E 275 32.85 -1.03 -2.46
CA VAL E 275 32.22 0.24 -2.12
C VAL E 275 31.24 0.08 -0.97
N LEU E 276 30.21 -0.75 -1.18
CA LEU E 276 29.10 -0.81 -0.22
C LEU E 276 29.52 -1.45 1.10
N ILE E 277 30.21 -2.59 1.03
CA ILE E 277 30.58 -3.30 2.25
C ILE E 277 31.52 -2.50 3.14
N PRO E 278 32.62 -1.93 2.64
CA PRO E 278 33.48 -1.11 3.52
C PRO E 278 32.82 0.15 4.05
N MET E 279 31.69 0.57 3.46
CA MET E 279 31.00 1.76 3.94
C MET E 279 30.53 1.62 5.38
N HIS E 280 30.37 0.38 5.87
CA HIS E 280 29.97 0.19 7.25
C HIS E 280 31.00 0.70 8.25
N THR E 281 32.22 0.95 7.81
CA THR E 281 33.25 1.55 8.65
C THR E 281 33.12 3.06 8.77
N ALA E 282 31.98 3.62 8.34
CA ALA E 282 31.79 5.06 8.41
C ALA E 282 31.63 5.53 9.84
N LYS E 283 32.16 6.71 10.12
CA LYS E 283 32.03 7.28 11.46
C LYS E 283 30.58 7.60 11.79
N GLY E 284 29.82 8.08 10.82
CA GLY E 284 28.45 8.49 11.07
C GLY E 284 27.40 7.55 10.53
N LEU E 285 27.62 6.25 10.70
CA LEU E 285 26.69 5.25 10.16
C LEU E 285 25.29 5.38 10.77
N ALA E 286 25.16 6.06 11.91
CA ALA E 286 23.88 6.13 12.61
C ALA E 286 22.78 6.77 11.78
N LEU E 287 23.13 7.56 10.76
CA LEU E 287 22.14 8.24 9.94
C LEU E 287 21.97 7.63 8.56
N PHE E 288 22.94 6.84 8.09
CA PHE E 288 22.89 6.27 6.75
C PHE E 288 22.60 4.78 6.76
N HIS E 289 22.52 4.15 7.93
CA HIS E 289 22.40 2.70 8.01
C HIS E 289 21.07 2.23 7.41
N ALA E 290 19.99 2.95 7.68
CA ALA E 290 18.67 2.49 7.22
C ALA E 290 18.62 2.38 5.70
N GLN E 291 19.18 3.36 4.99
CA GLN E 291 19.26 3.26 3.54
C GLN E 291 20.38 2.33 3.10
N LEU E 292 21.48 2.26 3.85
CA LEU E 292 22.57 1.36 3.49
C LEU E 292 22.19 -0.10 3.69
N ALA E 293 21.38 -0.40 4.72
CA ALA E 293 20.96 -1.77 4.95
C ALA E 293 20.05 -2.27 3.84
N TYR E 294 19.22 -1.39 3.28
CA TYR E 294 18.26 -1.82 2.27
C TYR E 294 18.95 -2.26 0.99
N CYS E 295 19.92 -1.46 0.51
CA CYS E 295 20.54 -1.76 -0.77
C CYS E 295 21.34 -3.06 -0.73
N VAL E 296 21.96 -3.37 0.42
CA VAL E 296 22.67 -4.64 0.55
C VAL E 296 21.71 -5.81 0.41
N VAL E 297 20.56 -5.73 1.06
CA VAL E 297 19.58 -6.81 1.00
C VAL E 297 18.98 -6.92 -0.40
N GLN E 298 18.60 -5.78 -0.98
CA GLN E 298 18.00 -5.80 -2.31
C GLN E 298 18.98 -6.31 -3.36
N PHE E 299 20.25 -5.90 -3.27
CA PHE E 299 21.26 -6.40 -4.20
C PHE E 299 21.48 -7.89 -3.99
N LEU E 300 21.47 -8.35 -2.75
CA LEU E 300 21.64 -9.77 -2.47
C LEU E 300 20.49 -10.59 -3.05
N GLU E 301 19.28 -10.03 -3.06
CA GLU E 301 18.12 -10.75 -3.56
C GLU E 301 18.17 -11.00 -5.07
N LYS E 302 19.08 -10.32 -5.78
CA LYS E 302 19.20 -10.55 -7.22
C LYS E 302 20.00 -11.81 -7.51
N ASP E 303 21.25 -11.87 -7.04
CA ASP E 303 22.11 -13.03 -7.20
C ASP E 303 22.40 -13.60 -5.81
N THR E 304 21.82 -14.77 -5.51
CA THR E 304 21.96 -15.35 -4.18
C THR E 304 23.36 -15.90 -3.94
N THR E 305 24.16 -16.10 -4.98
CA THR E 305 25.51 -16.60 -4.81
C THR E 305 26.42 -15.62 -4.09
N LEU E 306 26.02 -14.36 -3.94
CA LEU E 306 26.80 -13.36 -3.24
C LEU E 306 26.62 -13.42 -1.73
N THR E 307 25.77 -14.32 -1.22
CA THR E 307 25.54 -14.38 0.22
C THR E 307 26.81 -14.72 0.98
N GLU E 308 27.59 -15.68 0.49
CA GLU E 308 28.83 -16.05 1.18
C GLU E 308 29.82 -14.91 1.24
N PRO E 309 30.16 -14.22 0.14
CA PRO E 309 31.07 -13.07 0.27
C PRO E 309 30.52 -11.96 1.15
N VAL E 310 29.21 -11.74 1.15
CA VAL E 310 28.64 -10.65 1.93
C VAL E 310 28.78 -10.93 3.42
N ILE E 311 28.42 -12.14 3.86
CA ILE E 311 28.47 -12.47 5.27
C ILE E 311 29.91 -12.43 5.78
N ARG E 312 30.83 -13.05 5.02
CA ARG E 312 32.23 -13.01 5.41
C ARG E 312 32.77 -11.59 5.40
N GLY E 313 32.38 -10.81 4.39
CA GLY E 313 32.75 -9.40 4.37
C GLY E 313 32.15 -8.63 5.53
N LEU E 314 30.90 -8.94 5.89
CA LEU E 314 30.28 -8.31 7.05
C LEU E 314 31.05 -8.59 8.33
N LEU E 315 31.49 -9.84 8.50
CA LEU E 315 32.19 -10.23 9.73
C LEU E 315 33.59 -9.64 9.81
N LYS E 316 34.16 -9.19 8.69
CA LYS E 316 35.51 -8.64 8.71
C LYS E 316 35.55 -7.30 9.44
N PHE E 317 34.64 -6.39 9.07
CA PHE E 317 34.59 -5.06 9.70
C PHE E 317 33.60 -5.02 10.87
N TRP E 318 33.78 -5.94 11.82
CA TRP E 318 32.90 -5.97 12.97
C TRP E 318 33.24 -4.84 13.94
N PRO E 319 32.24 -4.18 14.53
CA PRO E 319 32.52 -3.15 15.53
C PRO E 319 33.25 -3.74 16.73
N LYS E 320 34.08 -2.92 17.38
CA LYS E 320 34.92 -3.37 18.46
C LYS E 320 34.57 -2.72 19.80
N THR E 321 34.47 -1.38 19.84
CA THR E 321 34.34 -0.66 21.09
C THR E 321 33.05 0.13 21.23
N CYS E 322 32.19 0.16 20.22
CA CYS E 322 30.97 0.98 20.27
C CYS E 322 29.76 0.07 20.48
N SER E 323 29.02 0.34 21.56
CA SER E 323 27.83 -0.46 21.85
C SER E 323 26.72 -0.20 20.85
N GLN E 324 26.47 1.08 20.53
CA GLN E 324 25.39 1.41 19.60
C GLN E 324 25.67 0.91 18.19
N LYS E 325 26.94 0.81 17.81
CA LYS E 325 27.27 0.31 16.48
C LYS E 325 26.87 -1.15 16.31
N GLU E 326 27.10 -1.96 17.35
CA GLU E 326 26.81 -3.40 17.24
C GLU E 326 25.31 -3.68 17.20
N VAL E 327 24.51 -2.86 17.89
CA VAL E 327 23.07 -3.13 17.97
C VAL E 327 22.43 -3.07 16.59
N MET E 328 22.75 -2.02 15.83
CA MET E 328 22.24 -1.94 14.46
C MET E 328 22.93 -2.94 13.55
N PHE E 329 24.18 -3.29 13.85
CA PHE E 329 24.89 -4.27 13.04
C PHE E 329 24.23 -5.65 13.14
N LEU E 330 23.78 -6.04 14.33
CA LEU E 330 23.09 -7.31 14.46
C LEU E 330 21.79 -7.32 13.68
N GLY E 331 21.12 -6.17 13.58
CA GLY E 331 19.92 -6.08 12.76
C GLY E 331 20.19 -6.32 11.29
N GLU E 332 21.40 -5.99 10.84
CA GLU E 332 21.78 -6.28 9.46
C GLU E 332 21.84 -7.79 9.21
N ILE E 333 22.54 -8.51 10.09
CA ILE E 333 22.67 -9.95 9.92
C ILE E 333 21.33 -10.65 10.12
N GLU E 334 20.52 -10.16 11.06
CA GLU E 334 19.21 -10.75 11.29
C GLU E 334 18.33 -10.68 10.04
N GLU E 335 18.36 -9.55 9.35
CA GLU E 335 17.55 -9.39 8.14
C GLU E 335 18.01 -10.37 7.05
N ILE E 336 19.32 -10.56 6.92
CA ILE E 336 19.86 -11.44 5.88
C ILE E 336 19.30 -12.86 6.04
N LEU E 337 19.09 -13.29 7.28
CA LEU E 337 18.72 -14.68 7.53
C LEU E 337 17.27 -14.99 7.14
N ASP E 338 16.45 -13.97 6.87
CA ASP E 338 15.10 -14.26 6.39
C ASP E 338 15.03 -14.47 4.88
N VAL E 339 16.11 -14.23 4.15
CA VAL E 339 16.18 -14.51 2.73
C VAL E 339 17.28 -15.49 2.37
N ILE E 340 17.93 -16.10 3.37
CA ILE E 340 19.07 -16.96 3.10
C ILE E 340 18.57 -18.32 2.61
N GLU E 341 19.35 -18.95 1.74
CA GLU E 341 18.94 -20.28 1.31
C GLU E 341 19.57 -21.34 2.20
N PRO E 342 18.87 -22.45 2.43
CA PRO E 342 19.44 -23.49 3.32
C PRO E 342 20.79 -24.03 2.85
N THR E 343 20.98 -24.17 1.54
CA THR E 343 22.27 -24.63 1.03
C THR E 343 23.37 -23.64 1.36
N GLN E 344 23.10 -22.34 1.18
CA GLN E 344 24.09 -21.32 1.51
C GLN E 344 24.37 -21.25 3.01
N PHE E 345 23.44 -21.74 3.84
CA PHE E 345 23.72 -21.84 5.27
C PHE E 345 24.84 -22.82 5.56
N LYS E 346 24.98 -23.87 4.74
CA LYS E 346 25.95 -24.93 4.98
C LYS E 346 27.39 -24.46 4.81
N LYS E 347 27.65 -23.17 4.62
CA LYS E 347 29.00 -22.66 4.44
C LYS E 347 29.39 -21.58 5.44
N ILE E 348 28.47 -21.15 6.32
CA ILE E 348 28.75 -20.02 7.20
C ILE E 348 28.40 -20.33 8.65
N GLU E 349 28.16 -21.61 8.97
CA GLU E 349 27.76 -21.95 10.33
C GLU E 349 28.87 -21.62 11.33
N GLU E 350 30.12 -21.98 11.01
CA GLU E 350 31.20 -21.76 11.96
C GLU E 350 31.53 -20.28 12.14
N PRO E 351 31.84 -19.51 11.08
CA PRO E 351 32.28 -18.12 11.32
C PRO E 351 31.17 -17.22 11.86
N LEU E 352 29.97 -17.30 11.29
CA LEU E 352 28.89 -16.41 11.72
C LEU E 352 28.47 -16.68 13.15
N PHE E 353 28.23 -17.96 13.49
CA PHE E 353 27.75 -18.29 14.82
C PHE E 353 28.83 -18.14 15.88
N LYS E 354 30.11 -18.20 15.50
CA LYS E 354 31.17 -17.95 16.47
C LYS E 354 31.10 -16.53 17.00
N GLN E 355 30.82 -15.57 16.13
CA GLN E 355 30.69 -14.18 16.57
C GLN E 355 29.49 -14.00 17.48
N ILE E 356 28.37 -14.65 17.17
CA ILE E 356 27.17 -14.53 18.00
C ILE E 356 27.42 -15.10 19.39
N SER E 357 28.17 -16.20 19.47
CA SER E 357 28.55 -16.74 20.77
C SER E 357 29.54 -15.83 21.51
N LYS E 358 30.20 -14.92 20.80
CA LYS E 358 31.06 -13.96 21.46
C LYS E 358 30.28 -12.77 22.01
N CYS E 359 29.24 -12.33 21.28
CA CYS E 359 28.52 -11.12 21.67
C CYS E 359 27.51 -11.37 22.78
N VAL E 360 27.12 -12.61 23.04
CA VAL E 360 26.21 -12.89 24.14
C VAL E 360 26.88 -12.60 25.48
N SER E 361 28.18 -12.92 25.59
CA SER E 361 28.96 -12.61 26.79
C SER E 361 29.50 -11.18 26.67
N SER E 362 28.56 -10.23 26.69
CA SER E 362 28.87 -8.83 26.54
C SER E 362 28.71 -8.09 27.86
N SER E 363 29.33 -6.92 27.94
CA SER E 363 29.26 -6.06 29.10
C SER E 363 28.11 -5.06 29.03
N HIS E 364 27.32 -5.09 27.97
CA HIS E 364 26.19 -4.20 27.79
C HIS E 364 24.92 -5.01 27.54
N PHE E 365 23.84 -4.62 28.19
CA PHE E 365 22.59 -5.39 28.10
C PHE E 365 22.03 -5.38 26.69
N GLN E 366 22.05 -4.21 26.02
CA GLN E 366 21.42 -4.09 24.71
C GLN E 366 22.09 -5.00 23.69
N VAL E 367 23.42 -5.12 23.74
CA VAL E 367 24.12 -6.02 22.83
C VAL E 367 23.70 -7.45 23.06
N ALA E 368 23.58 -7.85 24.33
CA ALA E 368 23.14 -9.21 24.64
C ALA E 368 21.64 -9.38 24.40
N GLU E 369 20.86 -8.31 24.57
CA GLU E 369 19.41 -8.42 24.42
C GLU E 369 19.02 -8.84 23.01
N ARG E 370 19.54 -8.12 22.00
CA ARG E 370 19.21 -8.45 20.61
C ARG E 370 19.71 -9.85 20.24
N ALA E 371 20.92 -10.20 20.68
CA ALA E 371 21.47 -11.50 20.35
C ALA E 371 20.61 -12.62 20.93
N LEU E 372 20.12 -12.44 22.16
CA LEU E 372 19.27 -13.47 22.77
C LEU E 372 17.93 -13.59 22.05
N TYR E 373 17.47 -12.52 21.41
CA TYR E 373 16.23 -12.58 20.64
C TYR E 373 16.38 -13.37 19.34
N PHE E 374 17.60 -13.79 19.00
CA PHE E 374 17.79 -14.61 17.80
C PHE E 374 17.01 -15.91 17.92
N TRP E 375 17.01 -16.54 19.09
CA TRP E 375 16.27 -17.77 19.30
C TRP E 375 14.81 -17.47 19.59
N ASN E 376 14.19 -16.66 18.73
CA ASN E 376 12.76 -16.39 18.78
C ASN E 376 12.11 -16.36 17.41
N ASN E 377 12.89 -16.19 16.34
CA ASN E 377 12.37 -16.22 14.97
C ASN E 377 11.89 -17.63 14.63
N GLU E 378 11.27 -17.76 13.46
CA GLU E 378 10.77 -19.04 12.97
C GLU E 378 11.69 -19.63 11.91
N TYR E 379 12.12 -18.83 10.95
CA TYR E 379 13.07 -19.31 9.95
C TYR E 379 14.44 -19.58 10.55
N ILE E 380 14.86 -18.76 11.52
CA ILE E 380 16.15 -18.98 12.17
C ILE E 380 16.13 -20.31 12.92
N LEU E 381 15.07 -20.57 13.67
CA LEU E 381 14.99 -21.83 14.41
C LEU E 381 14.85 -23.02 13.49
N SER E 382 14.17 -22.86 12.34
CA SER E 382 14.08 -23.95 11.38
C SER E 382 15.45 -24.31 10.83
N LEU E 383 16.29 -23.31 10.54
CA LEU E 383 17.62 -23.57 10.02
C LEU E 383 18.51 -24.25 11.05
N ILE E 384 18.51 -23.76 12.30
CA ILE E 384 19.39 -24.31 13.32
C ILE E 384 18.98 -25.70 13.77
N GLU E 385 17.75 -26.13 13.46
CA GLU E 385 17.35 -27.50 13.77
C GLU E 385 18.02 -28.50 12.82
N GLU E 386 18.18 -28.12 11.55
CA GLU E 386 18.75 -29.02 10.56
C GLU E 386 20.22 -29.31 10.86
N ASN E 387 20.98 -28.28 11.26
CA ASN E 387 22.41 -28.41 11.53
C ASN E 387 22.73 -28.29 13.01
N ILE E 388 21.88 -28.88 13.85
CA ILE E 388 22.05 -28.78 15.30
C ILE E 388 23.35 -29.42 15.75
N ASP E 389 23.82 -30.44 15.03
CA ASP E 389 24.99 -31.20 15.47
C ASP E 389 26.24 -30.33 15.55
N LYS E 390 26.36 -29.34 14.66
CA LYS E 390 27.54 -28.48 14.65
C LYS E 390 27.34 -27.15 15.36
N ILE E 391 26.11 -26.62 15.37
CA ILE E 391 25.87 -25.35 16.05
C ILE E 391 25.93 -25.53 17.56
N LEU E 392 25.38 -26.63 18.08
CA LEU E 392 25.27 -26.81 19.52
C LEU E 392 26.61 -26.78 20.25
N PRO E 393 27.68 -27.45 19.80
CA PRO E 393 28.92 -27.45 20.59
C PRO E 393 29.55 -26.08 20.77
N ILE E 394 29.19 -25.10 19.95
CA ILE E 394 29.80 -23.78 20.03
C ILE E 394 29.08 -22.88 21.03
N MET E 395 27.75 -22.79 20.92
CA MET E 395 27.00 -21.90 21.81
C MET E 395 26.91 -22.46 23.22
N PHE E 396 26.71 -23.78 23.35
CA PHE E 396 26.24 -24.35 24.60
C PHE E 396 27.26 -24.10 25.72
N ALA E 397 28.54 -24.03 25.38
CA ALA E 397 29.55 -23.68 26.38
C ALA E 397 29.35 -22.26 26.90
N SER E 398 28.86 -21.36 26.05
CA SER E 398 28.64 -19.98 26.46
C SER E 398 27.24 -19.74 26.99
N LEU E 399 26.25 -20.44 26.44
CA LEU E 399 24.87 -20.25 26.92
C LEU E 399 24.70 -20.77 28.35
N TYR E 400 25.44 -21.82 28.74
CA TYR E 400 25.33 -22.33 30.10
C TYR E 400 26.06 -21.44 31.09
N LYS E 401 27.19 -20.84 30.68
CA LYS E 401 27.97 -20.03 31.59
C LYS E 401 27.19 -18.80 32.06
N ILE E 402 26.48 -18.13 31.14
CA ILE E 402 25.74 -16.93 31.47
C ILE E 402 24.52 -17.21 32.33
N SER E 403 24.12 -18.47 32.44
CA SER E 403 22.86 -18.81 33.11
C SER E 403 22.88 -18.41 34.59
N LYS E 404 24.03 -18.55 35.25
CA LYS E 404 24.11 -18.34 36.70
C LYS E 404 25.21 -17.37 37.06
N GLU E 405 25.46 -16.36 36.23
CA GLU E 405 26.46 -15.36 36.57
C GLU E 405 25.91 -13.94 36.44
N HIS E 406 24.96 -13.74 35.53
CA HIS E 406 24.46 -12.39 35.28
C HIS E 406 23.54 -11.94 36.41
N TRP E 407 23.43 -10.61 36.54
CA TRP E 407 22.67 -10.01 37.63
C TRP E 407 21.21 -9.76 37.25
N ASN E 408 20.97 -9.23 36.05
CA ASN E 408 19.61 -8.90 35.65
C ASN E 408 18.82 -10.18 35.38
N PRO E 409 17.71 -10.42 36.09
CA PRO E 409 16.91 -11.63 35.81
C PRO E 409 16.32 -11.65 34.41
N THR E 410 16.04 -10.48 33.83
CA THR E 410 15.40 -10.45 32.50
C THR E 410 16.28 -11.11 31.46
N ILE E 411 17.58 -10.81 31.45
CA ILE E 411 18.50 -11.47 30.53
C ILE E 411 18.58 -12.97 30.86
N VAL E 412 18.65 -13.30 32.14
CA VAL E 412 18.69 -14.70 32.55
C VAL E 412 17.39 -15.41 32.17
N ALA E 413 16.26 -14.71 32.25
CA ALA E 413 14.98 -15.33 31.94
C ALA E 413 14.92 -15.81 30.50
N LEU E 414 15.40 -14.99 29.55
CA LEU E 414 15.46 -15.43 28.16
C LEU E 414 16.44 -16.57 27.97
N VAL E 415 17.54 -16.59 28.72
CA VAL E 415 18.55 -17.65 28.57
C VAL E 415 17.92 -19.01 28.87
N TYR E 416 17.07 -19.08 29.89
CA TYR E 416 16.38 -20.33 30.19
C TYR E 416 15.55 -20.79 29.00
N ASN E 417 14.93 -19.86 28.28
CA ASN E 417 14.16 -20.23 27.10
C ASN E 417 15.07 -20.78 26.00
N VAL E 418 16.30 -20.25 25.89
CA VAL E 418 17.24 -20.76 24.91
C VAL E 418 17.66 -22.18 25.24
N LEU E 419 18.05 -22.42 26.49
CA LEU E 419 18.49 -23.75 26.88
C LEU E 419 17.36 -24.77 26.78
N LYS E 420 16.15 -24.39 27.19
CA LYS E 420 15.01 -25.28 27.06
C LYS E 420 14.68 -25.54 25.59
N THR E 421 14.94 -24.57 24.72
CA THR E 421 14.68 -24.76 23.29
C THR E 421 15.56 -25.87 22.72
N LEU E 422 16.84 -25.91 23.13
CA LEU E 422 17.74 -26.95 22.64
C LEU E 422 17.40 -28.32 23.22
N MET E 423 16.60 -28.37 24.28
CA MET E 423 16.07 -29.64 24.76
C MET E 423 14.93 -30.16 23.90
N GLU E 424 14.40 -29.34 22.99
CA GLU E 424 13.35 -29.74 22.06
C GLU E 424 13.93 -30.27 20.75
N MET E 425 15.09 -30.89 20.82
CA MET E 425 15.86 -31.31 19.66
C MET E 425 16.42 -32.69 19.97
N ASN E 426 17.45 -33.09 19.25
CA ASN E 426 18.13 -34.37 19.49
C ASN E 426 18.89 -34.33 20.84
N GLY E 427 18.09 -34.30 21.91
CA GLY E 427 18.58 -34.09 23.26
C GLY E 427 19.52 -35.17 23.76
N LYS E 428 19.59 -36.31 23.07
CA LYS E 428 20.65 -37.27 23.36
C LYS E 428 22.01 -36.62 23.19
N LEU E 429 22.19 -35.84 22.12
CA LEU E 429 23.41 -35.05 21.97
C LEU E 429 23.54 -34.03 23.09
N PHE E 430 22.44 -33.39 23.46
CA PHE E 430 22.42 -32.59 24.69
C PHE E 430 22.78 -33.45 25.90
N ASP E 431 22.14 -34.62 26.01
CA ASP E 431 22.51 -35.55 27.08
C ASP E 431 23.95 -36.01 26.93
N ASP E 432 24.38 -36.30 25.70
CA ASP E 432 25.80 -36.61 25.47
C ASP E 432 26.66 -35.40 25.81
N LEU E 433 26.23 -34.20 25.42
CA LEU E 433 26.94 -33.00 25.83
C LEU E 433 26.88 -32.85 27.34
N THR E 434 25.67 -32.66 27.90
CA THR E 434 25.55 -32.34 29.32
C THR E 434 26.16 -33.42 30.22
N SER E 435 26.27 -34.65 29.74
CA SER E 435 27.04 -35.65 30.49
C SER E 435 28.53 -35.41 30.31
N SER E 436 28.98 -35.17 29.08
CA SER E 436 30.37 -34.83 28.84
C SER E 436 30.67 -33.39 29.30
N TYR E 437 29.77 -32.45 29.01
CA TYR E 437 30.03 -31.05 29.35
C TYR E 437 30.25 -30.91 30.85
N LYS E 438 29.40 -31.57 31.65
CA LYS E 438 29.59 -31.58 33.10
C LYS E 438 30.92 -32.22 33.46
N ALA E 439 31.35 -33.23 32.70
CA ALA E 439 32.69 -33.77 32.89
C ALA E 439 33.76 -32.75 32.52
N GLU E 440 33.54 -31.95 31.47
CA GLU E 440 34.42 -30.82 31.23
C GLU E 440 34.28 -29.76 32.31
N ARG E 441 33.09 -29.60 32.90
CA ARG E 441 32.99 -28.79 34.11
C ARG E 441 33.53 -29.53 35.32
N GLN E 442 33.44 -30.86 35.34
CA GLN E 442 34.21 -31.62 36.30
C GLN E 442 35.70 -31.45 36.03
N ARG E 443 36.09 -31.44 34.74
CA ARG E 443 37.43 -31.03 34.36
C ARG E 443 37.70 -29.61 34.83
N GLU E 444 36.69 -28.74 34.78
CA GLU E 444 36.79 -27.43 35.41
C GLU E 444 36.72 -27.51 36.92
N LYS E 445 35.97 -28.48 37.46
CA LYS E 445 36.05 -28.75 38.90
C LYS E 445 37.45 -29.23 39.27
N LYS E 446 38.06 -30.06 38.42
CA LYS E 446 39.46 -30.42 38.62
C LYS E 446 40.36 -29.19 38.56
N LYS E 447 40.02 -28.24 37.69
CA LYS E 447 40.73 -26.96 37.68
C LYS E 447 40.53 -26.23 39.01
N GLU E 448 39.31 -26.26 39.55
CA GLU E 448 39.08 -25.72 40.87
C GLU E 448 39.86 -26.49 41.93
N LEU E 449 39.90 -27.82 41.80
CA LEU E 449 40.62 -28.67 42.73
C LEU E 449 42.13 -28.46 42.60
#